data_2ZQX
#
_entry.id   2ZQX
#
_cell.length_a   172.230
_cell.length_b   172.230
_cell.length_c   277.919
_cell.angle_alpha   90.00
_cell.angle_beta   90.00
_cell.angle_gamma   120.00
#
_symmetry.space_group_name_H-M   'H 3 2'
#
loop_
_entity.id
_entity.type
_entity.pdbx_description
1 polymer 'Cytochrome P450 152A1'
2 non-polymer 'PROTOPORPHYRIN IX CONTAINING FE'
3 water water
#
_entity_poly.entity_id   1
_entity_poly.type   'polypeptide(L)'
_entity_poly.pdbx_seq_one_letter_code
;MNEQIPHDKSLDNSLTLLKEGYLFIKNRTERYNSDLFQARLLGKNFICMTGAEAAKVFYDTDRFQRQNALPKRVQKSLFG
VNAIQGMDGSAHIHRKMLFLSLMTPPHQKRLAELMTEEWKAAVTRWEKADEVVLFEEAKEILCRVACYWAGVPLKETEVK
ERADDFIDMVDAFGAVGPRHWKGRRARPRAEEWIEVMIEDARAGLLKTTSGTALHEMAFHTQEDGSQLDSRMAAIELINV
LRPIVAISYFLVFSALALHEHPKYKEWLRSGNSREREMFVQEVRRYYPFGPFLGALVKKDFVWNNCEFKKGTSVLLDLYG
TNHDPRLWDHPDEFRPERFAEREENLFDMIPQGGGHAEKGHRCPGEGITIEVMKASLDFLVHQIEYDVPEQSLHYSLARM
PSLPESGFVMSGIRRKS
;
_entity_poly.pdbx_strand_id   A,B,C
#
# COMPACT_ATOMS: atom_id res chain seq x y z
N PRO A 6 -24.04 -26.44 38.30
CA PRO A 6 -24.16 -27.29 37.09
C PRO A 6 -22.88 -28.09 36.88
N HIS A 7 -23.02 -29.32 36.40
CA HIS A 7 -21.86 -30.16 36.21
C HIS A 7 -21.69 -30.81 34.82
N ASP A 8 -20.61 -30.44 34.14
CA ASP A 8 -20.31 -31.02 32.82
C ASP A 8 -19.56 -32.32 33.13
N LYS A 9 -20.11 -33.45 32.70
CA LYS A 9 -19.51 -34.75 32.97
C LYS A 9 -18.55 -35.33 31.93
N SER A 10 -18.42 -34.69 30.77
CA SER A 10 -17.52 -35.18 29.72
C SER A 10 -16.13 -35.49 30.29
N LEU A 11 -15.47 -36.48 29.71
CA LEU A 11 -14.13 -36.86 30.18
C LEU A 11 -13.07 -36.28 29.23
N ASP A 12 -13.53 -35.58 28.20
CA ASP A 12 -12.65 -34.99 27.20
C ASP A 12 -12.65 -33.46 27.22
N ASN A 13 -13.03 -32.87 28.35
CA ASN A 13 -13.05 -31.41 28.45
C ASN A 13 -11.74 -30.72 28.11
N SER A 14 -10.62 -31.27 28.56
CA SER A 14 -9.32 -30.69 28.26
C SER A 14 -9.15 -30.64 26.74
N LEU A 15 -9.53 -31.74 26.08
CA LEU A 15 -9.44 -31.81 24.63
C LEU A 15 -10.47 -30.89 24.02
N THR A 16 -11.66 -30.86 24.62
CA THR A 16 -12.72 -29.99 24.15
C THR A 16 -12.25 -28.55 24.27
N LEU A 17 -11.54 -28.24 25.34
CA LEU A 17 -11.01 -26.91 25.54
C LEU A 17 -10.08 -26.54 24.39
N LEU A 18 -9.22 -27.47 24.00
CA LEU A 18 -8.28 -27.25 22.88
C LEU A 18 -9.03 -26.93 21.58
N LYS A 19 -10.17 -27.59 21.36
CA LYS A 19 -10.93 -27.36 20.14
C LYS A 19 -11.80 -26.10 20.15
N GLU A 20 -12.25 -25.69 21.33
CA GLU A 20 -13.10 -24.51 21.40
C GLU A 20 -12.40 -23.18 21.69
N GLY A 21 -11.22 -23.25 22.30
CA GLY A 21 -10.48 -22.03 22.58
C GLY A 21 -11.24 -21.01 23.40
N TYR A 22 -11.32 -19.78 22.89
CA TYR A 22 -12.03 -18.71 23.60
C TYR A 22 -13.52 -18.95 23.82
N LEU A 23 -14.07 -19.99 23.19
CA LEU A 23 -15.49 -20.29 23.32
C LEU A 23 -15.83 -21.45 24.25
N PHE A 24 -14.83 -22.10 24.81
CA PHE A 24 -15.07 -23.23 25.71
C PHE A 24 -16.04 -22.87 26.83
N ILE A 25 -15.64 -21.88 27.61
CA ILE A 25 -16.42 -21.40 28.74
C ILE A 25 -17.75 -20.78 28.33
N LYS A 26 -17.70 -19.84 27.39
CA LYS A 26 -18.90 -19.16 26.89
C LYS A 26 -19.97 -20.16 26.41
N ASN A 27 -19.55 -21.11 25.58
CA ASN A 27 -20.45 -22.12 25.04
C ASN A 27 -21.18 -22.88 26.15
N ARG A 28 -20.57 -22.96 27.33
CA ARG A 28 -21.13 -23.67 28.45
C ARG A 28 -21.87 -22.80 29.46
N THR A 29 -21.40 -21.58 29.69
CA THR A 29 -22.10 -20.70 30.61
C THR A 29 -23.44 -20.35 29.94
N GLU A 30 -23.51 -20.57 28.62
CA GLU A 30 -24.74 -20.31 27.87
C GLU A 30 -25.61 -21.57 27.80
N ARG A 31 -24.97 -22.73 27.68
CA ARG A 31 -25.71 -23.98 27.62
C ARG A 31 -26.35 -24.32 28.96
N TYR A 32 -25.71 -23.93 30.05
CA TYR A 32 -26.23 -24.20 31.39
C TYR A 32 -26.93 -22.99 31.99
N ASN A 33 -27.02 -21.92 31.21
CA ASN A 33 -27.67 -20.68 31.64
C ASN A 33 -27.19 -20.31 33.04
N SER A 34 -25.88 -20.34 33.24
CA SER A 34 -25.30 -20.04 34.54
C SER A 34 -23.95 -19.34 34.39
N ASP A 35 -23.61 -18.49 35.37
CA ASP A 35 -22.33 -17.78 35.35
C ASP A 35 -21.17 -18.72 35.72
N LEU A 36 -21.48 -19.94 36.13
CA LEU A 36 -20.44 -20.90 36.51
C LEU A 36 -20.85 -22.35 36.36
N PHE A 37 -19.86 -23.22 36.18
CA PHE A 37 -20.08 -24.66 36.06
C PHE A 37 -18.86 -25.43 36.53
N GLN A 38 -19.05 -26.72 36.77
CA GLN A 38 -17.98 -27.60 37.23
C GLN A 38 -17.53 -28.50 36.10
N ALA A 39 -16.28 -28.94 36.17
CA ALA A 39 -15.75 -29.82 35.14
C ALA A 39 -14.33 -30.27 35.43
N ARG A 40 -14.01 -31.48 34.94
CA ARG A 40 -12.68 -32.04 35.09
C ARG A 40 -11.87 -31.47 33.92
N LEU A 41 -10.91 -30.63 34.23
CA LEU A 41 -10.07 -29.98 33.22
C LEU A 41 -8.61 -29.91 33.63
N LEU A 42 -7.71 -30.05 32.66
CA LEU A 42 -6.28 -29.97 32.93
C LEU A 42 -5.85 -30.83 34.10
N GLY A 43 -6.49 -31.99 34.22
CA GLY A 43 -6.16 -32.92 35.28
C GLY A 43 -6.76 -32.64 36.65
N LYS A 44 -7.59 -31.62 36.76
CA LYS A 44 -8.16 -31.31 38.07
C LYS A 44 -9.63 -30.92 38.06
N ASN A 45 -10.21 -30.80 39.26
CA ASN A 45 -11.60 -30.40 39.39
C ASN A 45 -11.64 -28.88 39.24
N PHE A 46 -12.43 -28.42 38.28
CA PHE A 46 -12.52 -26.99 37.98
C PHE A 46 -13.91 -26.39 38.07
N ILE A 47 -13.96 -25.10 38.41
CA ILE A 47 -15.21 -24.36 38.43
C ILE A 47 -14.89 -23.23 37.47
N CYS A 48 -15.62 -23.17 36.35
CA CYS A 48 -15.39 -22.11 35.40
C CYS A 48 -16.44 -21.03 35.64
N MET A 49 -16.05 -19.77 35.54
CA MET A 49 -17.00 -18.71 35.77
C MET A 49 -16.73 -17.51 34.88
N THR A 50 -17.79 -16.75 34.63
CA THR A 50 -17.71 -15.59 33.77
C THR A 50 -18.54 -14.46 34.34
N GLY A 51 -18.28 -13.25 33.87
CA GLY A 51 -19.02 -12.10 34.35
C GLY A 51 -18.18 -11.21 35.24
N ALA A 52 -18.62 -9.98 35.39
CA ALA A 52 -17.93 -9.00 36.20
C ALA A 52 -17.97 -9.32 37.70
N GLU A 53 -19.11 -9.83 38.18
CA GLU A 53 -19.24 -10.18 39.60
C GLU A 53 -18.33 -11.37 39.92
N ALA A 54 -18.27 -12.35 39.03
CA ALA A 54 -17.42 -13.49 39.26
C ALA A 54 -15.98 -12.97 39.28
N ALA A 55 -15.72 -11.98 38.44
CA ALA A 55 -14.41 -11.36 38.35
C ALA A 55 -14.03 -10.74 39.70
N LYS A 56 -14.98 -10.06 40.34
CA LYS A 56 -14.73 -9.45 41.65
C LYS A 56 -14.32 -10.52 42.66
N VAL A 57 -15.03 -11.64 42.61
CA VAL A 57 -14.74 -12.76 43.50
C VAL A 57 -13.37 -13.36 43.18
N PHE A 58 -13.08 -13.53 41.89
CA PHE A 58 -11.82 -14.10 41.44
C PHE A 58 -10.63 -13.27 41.93
N TYR A 59 -10.79 -11.95 41.93
CA TYR A 59 -9.73 -11.05 42.37
C TYR A 59 -9.72 -10.75 43.85
N ASP A 60 -10.50 -11.50 44.63
CA ASP A 60 -10.51 -11.33 46.08
C ASP A 60 -9.37 -12.24 46.55
N THR A 61 -8.25 -11.66 46.96
CA THR A 61 -7.10 -12.47 47.39
C THR A 61 -7.20 -13.26 48.69
N ASP A 62 -8.26 -13.07 49.47
CA ASP A 62 -8.38 -13.85 50.70
C ASP A 62 -9.09 -15.15 50.39
N ARG A 63 -9.53 -15.30 49.14
CA ARG A 63 -10.22 -16.50 48.70
C ARG A 63 -9.45 -17.16 47.55
N PHE A 64 -8.68 -16.38 46.83
CA PHE A 64 -7.95 -16.95 45.71
C PHE A 64 -6.45 -16.71 45.69
N GLN A 65 -5.72 -17.76 45.32
CA GLN A 65 -4.26 -17.69 45.21
C GLN A 65 -3.88 -18.21 43.84
N ARG A 66 -2.75 -17.75 43.32
CA ARG A 66 -2.29 -18.20 42.01
C ARG A 66 -1.28 -19.35 42.09
N GLN A 67 -0.70 -19.55 43.26
CA GLN A 67 0.30 -20.61 43.45
C GLN A 67 -0.27 -21.99 43.16
N ASN A 68 0.36 -22.69 42.22
CA ASN A 68 -0.03 -24.03 41.79
C ASN A 68 -1.36 -24.06 41.05
N ALA A 69 -1.73 -22.93 40.46
CA ALA A 69 -3.00 -22.79 39.75
C ALA A 69 -2.97 -23.35 38.32
N LEU A 70 -2.03 -22.88 37.51
CA LEU A 70 -1.95 -23.35 36.12
C LEU A 70 -0.83 -24.34 35.87
N PRO A 71 -1.02 -25.22 34.86
CA PRO A 71 -0.03 -26.24 34.49
C PRO A 71 1.36 -25.66 34.25
N LYS A 72 2.36 -26.47 34.56
CA LYS A 72 3.74 -26.05 34.37
C LYS A 72 4.03 -25.81 32.90
N ARG A 73 3.27 -26.47 32.02
CA ARG A 73 3.49 -26.30 30.59
C ARG A 73 3.34 -24.83 30.21
N VAL A 74 2.62 -24.08 31.04
CA VAL A 74 2.44 -22.65 30.77
C VAL A 74 3.67 -21.85 31.24
N GLN A 75 4.22 -22.24 32.37
CA GLN A 75 5.40 -21.58 32.89
C GLN A 75 6.58 -21.85 31.96
N LYS A 76 6.72 -23.10 31.54
CA LYS A 76 7.82 -23.48 30.66
C LYS A 76 7.70 -22.94 29.22
N SER A 77 6.67 -22.15 28.96
CA SER A 77 6.50 -21.57 27.63
C SER A 77 6.29 -20.06 27.68
N LEU A 78 5.11 -19.63 28.12
CA LEU A 78 4.79 -18.20 28.18
C LEU A 78 5.48 -17.36 29.27
N PHE A 79 5.22 -17.70 30.53
CA PHE A 79 5.73 -16.95 31.68
C PHE A 79 7.13 -17.17 32.28
N GLY A 80 7.60 -18.41 32.24
CA GLY A 80 8.87 -18.72 32.86
C GLY A 80 8.53 -19.42 34.17
N VAL A 81 9.38 -20.35 34.62
CA VAL A 81 9.13 -21.07 35.85
C VAL A 81 9.21 -20.20 37.11
N ASN A 82 8.18 -20.30 37.96
CA ASN A 82 8.11 -19.55 39.22
C ASN A 82 8.28 -18.05 39.13
N ALA A 83 7.81 -17.45 38.04
CA ALA A 83 7.91 -16.00 37.89
C ALA A 83 6.79 -15.34 38.69
N ILE A 84 6.60 -14.04 38.50
CA ILE A 84 5.59 -13.31 39.27
C ILE A 84 4.13 -13.76 39.08
N GLN A 85 3.81 -14.33 37.91
CA GLN A 85 2.45 -14.79 37.66
C GLN A 85 1.98 -15.87 38.64
N GLY A 86 2.92 -16.60 39.24
CA GLY A 86 2.55 -17.63 40.20
C GLY A 86 2.72 -17.26 41.66
N MET A 87 3.07 -16.01 41.93
CA MET A 87 3.28 -15.55 43.32
C MET A 87 2.02 -15.09 44.05
N ASP A 88 2.12 -14.99 45.38
CA ASP A 88 1.01 -14.54 46.22
C ASP A 88 1.54 -13.79 47.44
N GLY A 89 0.67 -12.99 48.05
CA GLY A 89 1.02 -12.25 49.25
C GLY A 89 1.99 -11.10 49.09
N SER A 90 2.64 -10.71 50.19
CA SER A 90 3.58 -9.60 50.18
C SER A 90 4.70 -9.79 49.16
N ALA A 91 5.21 -11.01 49.03
CA ALA A 91 6.26 -11.28 48.06
C ALA A 91 5.76 -10.91 46.65
N HIS A 92 4.52 -11.26 46.33
CA HIS A 92 3.98 -10.90 45.02
C HIS A 92 3.90 -9.39 44.89
N ILE A 93 3.25 -8.77 45.86
CA ILE A 93 3.08 -7.33 45.87
C ILE A 93 4.45 -6.66 45.75
N HIS A 94 5.41 -7.11 46.55
CA HIS A 94 6.74 -6.53 46.49
C HIS A 94 7.29 -6.52 45.05
N ARG A 95 7.29 -7.66 44.38
CA ARG A 95 7.82 -7.72 43.02
C ARG A 95 6.89 -7.03 42.03
N LYS A 96 5.59 -7.01 42.34
CA LYS A 96 4.64 -6.36 41.45
C LYS A 96 4.98 -4.87 41.38
N MET A 97 5.47 -4.29 42.48
CA MET A 97 5.81 -2.86 42.48
C MET A 97 6.98 -2.57 41.54
N LEU A 98 7.87 -3.55 41.38
CA LEU A 98 9.00 -3.38 40.48
C LEU A 98 8.48 -3.22 39.04
N PHE A 99 7.52 -4.05 38.64
CA PHE A 99 6.98 -3.94 37.29
C PHE A 99 6.25 -2.62 37.08
N LEU A 100 5.44 -2.23 38.06
CA LEU A 100 4.68 -0.98 37.99
C LEU A 100 5.58 0.24 37.87
N SER A 101 6.64 0.31 38.67
CA SER A 101 7.53 1.45 38.60
C SER A 101 8.11 1.66 37.19
N LEU A 102 8.09 0.60 36.38
CA LEU A 102 8.61 0.69 35.02
C LEU A 102 7.52 0.86 33.96
N MET A 103 6.27 1.03 34.40
CA MET A 103 5.16 1.15 33.45
C MET A 103 4.23 2.32 33.73
N THR A 104 4.80 3.38 34.32
CA THR A 104 4.04 4.57 34.63
C THR A 104 3.89 5.42 33.36
N PRO A 105 3.01 6.44 33.43
CA PRO A 105 2.77 7.32 32.27
C PRO A 105 4.00 7.80 31.50
N PRO A 106 5.11 8.12 32.19
CA PRO A 106 6.32 8.58 31.50
C PRO A 106 6.89 7.50 30.58
N HIS A 107 6.92 6.27 31.06
CA HIS A 107 7.42 5.14 30.28
C HIS A 107 6.47 4.87 29.13
N GLN A 108 5.17 4.91 29.42
CA GLN A 108 4.15 4.70 28.41
C GLN A 108 4.40 5.72 27.32
N LYS A 109 4.70 6.94 27.74
CA LYS A 109 4.92 8.05 26.83
C LYS A 109 6.16 7.84 25.98
N ARG A 110 7.24 7.45 26.64
CA ARG A 110 8.51 7.22 25.96
C ARG A 110 8.36 6.16 24.87
N LEU A 111 7.77 5.02 25.23
CA LEU A 111 7.60 3.94 24.26
C LEU A 111 6.73 4.28 23.06
N ALA A 112 5.63 4.99 23.29
CA ALA A 112 4.75 5.37 22.18
C ALA A 112 5.47 6.31 21.22
N GLU A 113 6.34 7.17 21.76
CA GLU A 113 7.10 8.11 20.93
C GLU A 113 8.21 7.38 20.16
N LEU A 114 8.81 6.37 20.79
CA LEU A 114 9.84 5.60 20.09
C LEU A 114 9.15 4.86 18.95
N MET A 115 7.99 4.30 19.24
CA MET A 115 7.22 3.58 18.24
C MET A 115 6.85 4.52 17.10
N THR A 116 6.44 5.73 17.46
CA THR A 116 6.07 6.73 16.47
C THR A 116 7.20 7.07 15.51
N GLU A 117 8.42 7.24 16.02
CA GLU A 117 9.53 7.56 15.13
C GLU A 117 9.90 6.35 14.25
N GLU A 118 9.67 5.14 14.76
CA GLU A 118 9.97 3.93 13.99
C GLU A 118 8.97 3.76 12.84
N TRP A 119 7.69 4.00 13.14
CA TRP A 119 6.65 3.86 12.11
C TRP A 119 6.95 4.80 10.95
N LYS A 120 7.27 6.05 11.27
CA LYS A 120 7.58 7.06 10.27
C LYS A 120 8.80 6.68 9.44
N ALA A 121 9.84 6.18 10.10
CA ALA A 121 11.07 5.79 9.40
C ALA A 121 10.82 4.60 8.46
N ALA A 122 9.88 3.75 8.82
CA ALA A 122 9.56 2.58 8.01
C ALA A 122 8.86 2.92 6.69
N VAL A 123 8.25 4.10 6.61
CA VAL A 123 7.54 4.49 5.39
C VAL A 123 8.42 4.41 4.16
N THR A 124 9.60 5.01 4.24
CA THR A 124 10.53 4.99 3.12
C THR A 124 10.76 3.56 2.66
N ARG A 125 10.88 2.63 3.61
CA ARG A 125 11.11 1.24 3.24
C ARG A 125 9.86 0.60 2.64
N TRP A 126 8.72 0.78 3.30
CA TRP A 126 7.46 0.20 2.83
C TRP A 126 7.06 0.62 1.42
N GLU A 127 7.30 1.88 1.06
CA GLU A 127 6.94 2.36 -0.28
C GLU A 127 7.62 1.60 -1.38
N LYS A 128 8.80 1.06 -1.10
CA LYS A 128 9.55 0.34 -2.12
C LYS A 128 9.20 -1.14 -2.15
N ALA A 129 8.49 -1.61 -1.15
CA ALA A 129 8.12 -3.03 -1.10
C ALA A 129 6.84 -3.26 -1.90
N ASP A 130 6.68 -4.47 -2.42
CA ASP A 130 5.46 -4.78 -3.14
C ASP A 130 4.39 -4.96 -2.07
N GLU A 131 4.70 -5.76 -1.06
CA GLU A 131 3.80 -6.03 0.05
C GLU A 131 4.53 -5.94 1.39
N VAL A 132 3.76 -5.80 2.45
CA VAL A 132 4.27 -5.73 3.79
C VAL A 132 3.31 -6.51 4.68
N VAL A 133 3.86 -7.33 5.58
CA VAL A 133 3.04 -8.10 6.51
C VAL A 133 3.11 -7.34 7.84
N LEU A 134 2.04 -6.61 8.16
CA LEU A 134 2.00 -5.79 9.37
C LEU A 134 2.45 -6.52 10.62
N PHE A 135 2.04 -7.77 10.77
CA PHE A 135 2.43 -8.56 11.93
C PHE A 135 3.95 -8.68 12.06
N GLU A 136 4.62 -9.00 10.97
CA GLU A 136 6.07 -9.13 11.00
C GLU A 136 6.74 -7.77 11.26
N GLU A 137 6.29 -6.73 10.55
CA GLU A 137 6.86 -5.40 10.74
C GLU A 137 6.76 -5.02 12.20
N ALA A 138 5.55 -5.17 12.74
CA ALA A 138 5.25 -4.85 14.13
C ALA A 138 6.13 -5.60 15.12
N LYS A 139 6.36 -6.87 14.85
CA LYS A 139 7.20 -7.70 15.71
C LYS A 139 8.59 -7.13 15.85
N GLU A 140 9.27 -6.96 14.72
CA GLU A 140 10.62 -6.44 14.71
C GLU A 140 10.72 -5.05 15.31
N ILE A 141 9.79 -4.17 14.94
CA ILE A 141 9.83 -2.81 15.46
C ILE A 141 9.62 -2.83 16.96
N LEU A 142 8.59 -3.52 17.44
CA LEU A 142 8.32 -3.60 18.87
C LEU A 142 9.53 -4.16 19.61
N CYS A 143 10.15 -5.19 19.05
CA CYS A 143 11.31 -5.81 19.69
C CYS A 143 12.46 -4.80 19.81
N ARG A 144 12.73 -4.11 18.71
CA ARG A 144 13.78 -3.11 18.63
C ARG A 144 13.51 -1.98 19.67
N VAL A 145 12.25 -1.54 19.76
CA VAL A 145 11.90 -0.49 20.69
C VAL A 145 11.98 -0.96 22.15
N ALA A 146 11.37 -2.10 22.43
CA ALA A 146 11.37 -2.63 23.78
C ALA A 146 12.80 -2.73 24.33
N CYS A 147 13.68 -3.36 23.57
CA CYS A 147 15.08 -3.52 23.99
C CYS A 147 15.77 -2.19 24.19
N TYR A 148 15.67 -1.31 23.22
CA TYR A 148 16.31 0.00 23.33
C TYR A 148 15.82 0.69 24.61
N TRP A 149 14.51 0.76 24.78
CA TRP A 149 13.90 1.38 25.95
C TRP A 149 14.27 0.69 27.27
N ALA A 150 14.48 -0.62 27.24
CA ALA A 150 14.84 -1.33 28.45
C ALA A 150 16.34 -1.24 28.74
N GLY A 151 17.12 -0.89 27.72
CA GLY A 151 18.56 -0.80 27.89
C GLY A 151 19.23 -2.12 27.56
N VAL A 152 18.50 -2.96 26.83
CA VAL A 152 18.98 -4.27 26.41
C VAL A 152 19.63 -4.18 25.02
N PRO A 153 20.93 -4.52 24.93
CA PRO A 153 21.69 -4.49 23.67
C PRO A 153 21.06 -5.44 22.65
N LEU A 154 20.80 -4.93 21.47
CA LEU A 154 20.19 -5.74 20.43
C LEU A 154 20.87 -5.47 19.09
N LYS A 155 21.60 -6.47 18.59
CA LYS A 155 22.30 -6.35 17.33
C LYS A 155 21.33 -6.41 16.16
N GLU A 156 21.61 -5.64 15.12
CA GLU A 156 20.76 -5.59 13.95
C GLU A 156 20.47 -6.97 13.35
N THR A 157 21.48 -7.82 13.33
CA THR A 157 21.36 -9.16 12.78
C THR A 157 20.62 -10.17 13.67
N GLU A 158 20.11 -9.74 14.83
CA GLU A 158 19.41 -10.68 15.70
C GLU A 158 18.00 -10.23 16.05
N VAL A 159 17.61 -9.05 15.58
CA VAL A 159 16.27 -8.51 15.85
C VAL A 159 15.19 -9.53 15.47
N LYS A 160 15.29 -10.03 14.24
CA LYS A 160 14.36 -11.01 13.69
C LYS A 160 14.28 -12.28 14.55
N GLU A 161 15.43 -12.86 14.87
CA GLU A 161 15.44 -14.08 15.67
C GLU A 161 14.88 -13.85 17.08
N ARG A 162 15.27 -12.76 17.72
CA ARG A 162 14.78 -12.47 19.06
C ARG A 162 13.29 -12.20 19.05
N ALA A 163 12.83 -11.46 18.04
CA ALA A 163 11.41 -11.13 17.91
C ALA A 163 10.59 -12.40 17.75
N ASP A 164 11.09 -13.32 16.92
CA ASP A 164 10.39 -14.57 16.68
C ASP A 164 10.39 -15.45 17.92
N ASP A 165 11.47 -15.43 18.69
CA ASP A 165 11.53 -16.23 19.91
C ASP A 165 10.45 -15.77 20.88
N PHE A 166 10.32 -14.46 21.06
CA PHE A 166 9.30 -13.92 21.95
C PHE A 166 7.90 -14.36 21.50
N ILE A 167 7.63 -14.30 20.19
CA ILE A 167 6.31 -14.69 19.70
C ILE A 167 6.05 -16.19 19.85
N ASP A 168 7.10 -17.00 19.67
CA ASP A 168 6.95 -18.45 19.82
C ASP A 168 6.51 -18.77 21.23
N MET A 169 6.97 -17.96 22.18
CA MET A 169 6.58 -18.16 23.57
C MET A 169 5.08 -17.93 23.75
N VAL A 170 4.61 -16.80 23.24
CA VAL A 170 3.20 -16.46 23.32
C VAL A 170 2.30 -17.44 22.55
N ASP A 171 2.73 -17.83 21.35
CA ASP A 171 1.94 -18.72 20.51
C ASP A 171 1.99 -20.18 20.94
N ALA A 172 2.61 -20.46 22.09
CA ALA A 172 2.73 -21.84 22.57
C ALA A 172 1.93 -22.21 23.83
N PHE A 173 1.38 -21.22 24.52
CA PHE A 173 0.64 -21.53 25.75
C PHE A 173 -0.70 -22.25 25.53
N GLY A 174 -1.35 -21.98 24.41
CA GLY A 174 -2.63 -22.61 24.17
C GLY A 174 -2.61 -23.76 23.18
N ALA A 175 -1.43 -24.32 22.91
CA ALA A 175 -1.32 -25.41 21.95
C ALA A 175 -0.52 -26.65 22.40
N VAL A 176 -0.67 -27.70 21.60
CA VAL A 176 0.03 -28.97 21.81
C VAL A 176 0.77 -29.22 20.49
N GLY A 177 1.70 -30.16 20.51
CA GLY A 177 2.46 -30.46 19.31
C GLY A 177 3.55 -29.45 19.00
N PRO A 178 3.89 -29.26 17.72
CA PRO A 178 4.92 -28.33 17.23
C PRO A 178 4.83 -26.89 17.71
N ARG A 179 3.62 -26.34 17.83
CA ARG A 179 3.48 -24.96 18.27
C ARG A 179 3.97 -24.78 19.70
N HIS A 180 3.65 -25.76 20.54
CA HIS A 180 4.06 -25.70 21.93
C HIS A 180 5.56 -25.89 22.04
N TRP A 181 6.12 -26.75 21.19
CA TRP A 181 7.56 -27.02 21.21
C TRP A 181 8.42 -25.83 20.80
N LYS A 182 7.93 -25.02 19.86
CA LYS A 182 8.69 -23.85 19.42
C LYS A 182 8.84 -22.92 20.62
N GLY A 183 7.79 -22.82 21.42
CA GLY A 183 7.87 -22.00 22.61
C GLY A 183 8.75 -22.66 23.66
N ARG A 184 8.69 -23.98 23.75
CA ARG A 184 9.50 -24.68 24.73
C ARG A 184 11.00 -24.54 24.47
N ARG A 185 11.36 -24.30 23.21
CA ARG A 185 12.77 -24.12 22.85
C ARG A 185 13.20 -22.66 22.89
N ALA A 186 12.31 -21.76 22.48
CA ALA A 186 12.61 -20.34 22.48
C ALA A 186 12.88 -19.77 23.88
N ARG A 187 12.06 -20.15 24.85
CA ARG A 187 12.21 -19.66 26.21
C ARG A 187 13.64 -19.83 26.73
N PRO A 188 14.23 -21.03 26.58
CA PRO A 188 15.62 -21.28 27.04
C PRO A 188 16.63 -20.38 26.34
N ARG A 189 16.42 -20.15 25.05
CA ARG A 189 17.32 -19.28 24.27
C ARG A 189 17.25 -17.82 24.76
N ALA A 190 16.05 -17.38 25.10
CA ALA A 190 15.87 -16.00 25.57
C ALA A 190 16.40 -15.84 26.99
N GLU A 191 16.03 -16.74 27.90
CA GLU A 191 16.49 -16.64 29.28
C GLU A 191 18.02 -16.62 29.37
N GLU A 192 18.69 -17.44 28.56
CA GLU A 192 20.16 -17.51 28.55
C GLU A 192 20.73 -16.19 28.06
N TRP A 193 20.21 -15.75 26.92
CA TRP A 193 20.63 -14.51 26.32
C TRP A 193 20.58 -13.37 27.37
N ILE A 194 19.47 -13.29 28.10
CA ILE A 194 19.29 -12.25 29.10
C ILE A 194 20.04 -12.47 30.43
N GLU A 195 20.21 -13.72 30.84
CA GLU A 195 20.89 -13.99 32.10
C GLU A 195 22.34 -13.50 32.05
N VAL A 196 22.99 -13.68 30.90
CA VAL A 196 24.37 -13.24 30.74
C VAL A 196 24.40 -11.73 30.85
N MET A 197 23.36 -11.08 30.31
CA MET A 197 23.23 -9.63 30.38
C MET A 197 23.13 -9.18 31.83
N ILE A 198 22.24 -9.83 32.57
CA ILE A 198 22.04 -9.50 33.98
C ILE A 198 23.36 -9.61 34.75
N GLU A 199 24.12 -10.68 34.46
CA GLU A 199 25.41 -10.91 35.12
C GLU A 199 26.50 -9.91 34.75
N ASP A 200 26.58 -9.50 33.49
CA ASP A 200 27.57 -8.51 33.09
C ASP A 200 27.22 -7.16 33.72
N ALA A 201 25.92 -6.90 33.85
CA ALA A 201 25.48 -5.63 34.43
C ALA A 201 25.83 -5.57 35.91
N ARG A 202 25.68 -6.70 36.60
CA ARG A 202 26.00 -6.74 38.02
C ARG A 202 27.49 -6.54 38.26
N ALA A 203 28.31 -6.85 37.26
CA ALA A 203 29.75 -6.67 37.42
C ALA A 203 30.21 -5.37 36.77
N GLY A 204 29.25 -4.59 36.25
CA GLY A 204 29.57 -3.33 35.61
C GLY A 204 30.23 -3.44 34.23
N LEU A 205 30.14 -4.62 33.62
CA LEU A 205 30.72 -4.89 32.31
C LEU A 205 29.82 -4.50 31.14
N LEU A 206 28.62 -4.04 31.47
CA LEU A 206 27.65 -3.61 30.49
C LEU A 206 27.03 -2.37 31.10
N LYS A 207 27.07 -1.25 30.39
CA LYS A 207 26.50 -0.02 30.91
C LYS A 207 24.98 -0.15 31.11
N THR A 208 24.50 0.20 32.31
CA THR A 208 23.06 0.17 32.58
C THR A 208 22.68 1.54 33.14
N THR A 209 21.42 1.93 32.94
CA THR A 209 20.95 3.22 33.40
C THR A 209 19.81 3.12 34.39
N SER A 210 19.98 3.81 35.52
CA SER A 210 18.98 3.81 36.58
C SER A 210 17.60 4.16 36.01
N GLY A 211 16.59 3.42 36.45
CA GLY A 211 15.25 3.69 35.96
C GLY A 211 14.86 2.87 34.75
N THR A 212 15.80 2.12 34.17
CA THR A 212 15.44 1.29 33.01
C THR A 212 15.26 -0.16 33.42
N ALA A 213 14.40 -0.87 32.70
CA ALA A 213 14.14 -2.26 33.00
C ALA A 213 15.36 -3.16 33.24
N LEU A 214 16.34 -3.12 32.35
CA LEU A 214 17.53 -3.96 32.53
C LEU A 214 18.17 -3.69 33.89
N HIS A 215 18.35 -2.41 34.22
CA HIS A 215 18.94 -2.00 35.49
C HIS A 215 18.11 -2.40 36.70
N GLU A 216 16.84 -2.04 36.67
CA GLU A 216 15.95 -2.34 37.79
C GLU A 216 15.82 -3.81 38.09
N MET A 217 15.73 -4.63 37.04
CA MET A 217 15.61 -6.05 37.25
C MET A 217 16.92 -6.60 37.79
N ALA A 218 18.02 -6.11 37.24
CA ALA A 218 19.35 -6.54 37.64
C ALA A 218 19.68 -6.24 39.10
N PHE A 219 19.27 -5.07 39.60
CA PHE A 219 19.56 -4.68 40.96
C PHE A 219 18.42 -4.72 41.98
N HIS A 220 17.26 -5.20 41.57
CA HIS A 220 16.12 -5.30 42.46
C HIS A 220 16.44 -6.18 43.67
N THR A 221 15.87 -5.85 44.82
CA THR A 221 16.08 -6.66 46.00
C THR A 221 14.74 -7.12 46.54
N GLN A 222 14.69 -8.37 46.96
CA GLN A 222 13.49 -8.97 47.50
C GLN A 222 13.21 -8.48 48.93
N GLU A 223 12.22 -9.08 49.59
CA GLU A 223 11.86 -8.70 50.96
C GLU A 223 12.98 -9.04 51.95
N ASP A 224 13.72 -10.12 51.69
CA ASP A 224 14.80 -10.53 52.57
C ASP A 224 16.06 -9.72 52.28
N GLY A 225 15.93 -8.73 51.39
CA GLY A 225 17.06 -7.89 51.05
C GLY A 225 18.06 -8.42 50.04
N SER A 226 17.86 -9.63 49.51
CA SER A 226 18.82 -10.15 48.54
C SER A 226 18.28 -9.98 47.13
N GLN A 227 19.18 -9.96 46.14
CA GLN A 227 18.74 -9.82 44.77
C GLN A 227 18.32 -11.17 44.20
N LEU A 228 17.49 -11.13 43.15
CA LEU A 228 16.99 -12.33 42.50
C LEU A 228 18.16 -13.13 41.91
N ASP A 229 17.94 -14.42 41.71
CA ASP A 229 18.97 -15.24 41.07
C ASP A 229 19.05 -14.66 39.65
N SER A 230 20.25 -14.57 39.11
CA SER A 230 20.42 -14.01 37.76
C SER A 230 19.36 -14.55 36.80
N ARG A 231 19.11 -15.85 36.84
CA ARG A 231 18.11 -16.49 35.98
C ARG A 231 16.71 -15.91 36.20
N MET A 232 16.29 -15.73 37.46
CA MET A 232 14.97 -15.17 37.74
C MET A 232 14.90 -13.74 37.23
N ALA A 233 16.02 -13.02 37.32
CA ALA A 233 16.05 -11.63 36.84
C ALA A 233 15.87 -11.60 35.30
N ALA A 234 16.42 -12.59 34.62
CA ALA A 234 16.27 -12.63 33.18
C ALA A 234 14.79 -12.91 32.86
N ILE A 235 14.23 -13.89 33.56
CA ILE A 235 12.82 -14.26 33.39
C ILE A 235 11.88 -13.07 33.63
N GLU A 236 12.10 -12.37 34.73
CA GLU A 236 11.28 -11.21 35.05
C GLU A 236 11.49 -10.08 34.01
N LEU A 237 12.71 -9.93 33.49
CA LEU A 237 12.94 -8.89 32.48
C LEU A 237 12.25 -9.35 31.19
N ILE A 238 12.26 -10.66 30.94
CA ILE A 238 11.60 -11.21 29.76
C ILE A 238 10.08 -10.99 29.89
N ASN A 239 9.59 -10.98 31.12
CA ASN A 239 8.18 -10.76 31.35
C ASN A 239 7.79 -9.30 31.07
N VAL A 240 8.77 -8.53 30.59
CA VAL A 240 8.55 -7.15 30.21
C VAL A 240 8.71 -7.04 28.67
N LEU A 241 9.82 -7.59 28.15
CA LEU A 241 10.10 -7.52 26.72
C LEU A 241 9.12 -8.31 25.84
N ARG A 242 8.84 -9.55 26.22
CA ARG A 242 7.91 -10.41 25.48
C ARG A 242 6.51 -9.80 25.32
N PRO A 243 5.91 -9.32 26.43
CA PRO A 243 4.57 -8.75 26.36
C PRO A 243 4.51 -7.59 25.36
N ILE A 244 5.48 -6.69 25.45
CA ILE A 244 5.54 -5.55 24.56
C ILE A 244 5.55 -6.01 23.10
N VAL A 245 6.41 -6.97 22.80
CA VAL A 245 6.45 -7.48 21.44
C VAL A 245 5.08 -8.06 21.09
N ALA A 246 4.43 -8.67 22.09
CA ALA A 246 3.12 -9.27 21.88
C ALA A 246 2.02 -8.26 21.49
N ILE A 247 2.29 -6.98 21.68
CA ILE A 247 1.33 -5.96 21.30
C ILE A 247 1.03 -6.08 19.80
N SER A 248 1.88 -6.81 19.09
CA SER A 248 1.71 -7.03 17.66
C SER A 248 0.32 -7.51 17.29
N TYR A 249 -0.21 -8.44 18.08
CA TYR A 249 -1.54 -8.98 17.80
C TYR A 249 -2.61 -7.90 17.83
N PHE A 250 -2.52 -6.98 18.80
CA PHE A 250 -3.50 -5.91 18.89
C PHE A 250 -3.37 -4.93 17.73
N LEU A 251 -2.12 -4.62 17.37
CA LEU A 251 -1.86 -3.70 16.28
C LEU A 251 -2.48 -4.22 14.97
N VAL A 252 -2.45 -5.54 14.80
CA VAL A 252 -3.01 -6.15 13.60
C VAL A 252 -4.53 -6.12 13.69
N PHE A 253 -5.06 -6.40 14.88
CA PHE A 253 -6.49 -6.38 15.06
C PHE A 253 -7.03 -4.98 14.82
N SER A 254 -6.31 -3.98 15.31
CA SER A 254 -6.71 -2.58 15.11
C SER A 254 -6.80 -2.25 13.62
N ALA A 255 -5.74 -2.59 12.88
CA ALA A 255 -5.72 -2.31 11.46
C ALA A 255 -6.86 -3.06 10.78
N LEU A 256 -7.12 -4.28 11.26
CA LEU A 256 -8.19 -5.09 10.70
C LEU A 256 -9.56 -4.47 10.99
N ALA A 257 -9.69 -3.78 12.12
CA ALA A 257 -10.95 -3.13 12.47
C ALA A 257 -11.21 -1.94 11.56
N LEU A 258 -10.14 -1.22 11.22
CA LEU A 258 -10.20 -0.06 10.36
C LEU A 258 -10.66 -0.48 8.95
N HIS A 259 -10.18 -1.64 8.51
CA HIS A 259 -10.53 -2.19 7.19
C HIS A 259 -11.93 -2.81 7.18
N GLU A 260 -12.30 -3.50 8.26
CA GLU A 260 -13.60 -4.14 8.35
C GLU A 260 -14.73 -3.18 8.68
N HIS A 261 -14.37 -2.03 9.25
CA HIS A 261 -15.35 -1.00 9.63
C HIS A 261 -14.89 0.38 9.12
N PRO A 262 -14.86 0.56 7.80
CA PRO A 262 -14.44 1.81 7.14
C PRO A 262 -15.00 3.12 7.68
N LYS A 263 -16.28 3.13 8.05
CA LYS A 263 -16.93 4.34 8.55
C LYS A 263 -16.12 5.08 9.62
N TYR A 264 -15.36 4.33 10.42
CA TYR A 264 -14.58 4.95 11.49
C TYR A 264 -13.29 5.65 11.05
N LYS A 265 -12.80 5.31 9.87
CA LYS A 265 -11.57 5.91 9.36
C LYS A 265 -11.71 7.43 9.32
N GLU A 266 -12.71 7.91 8.60
CA GLU A 266 -12.94 9.34 8.51
C GLU A 266 -13.21 9.91 9.89
N TRP A 267 -13.91 9.12 10.70
CA TRP A 267 -14.27 9.47 12.07
C TRP A 267 -13.04 9.81 12.93
N LEU A 268 -12.00 8.99 12.84
CA LEU A 268 -10.77 9.20 13.60
C LEU A 268 -9.92 10.30 13.00
N ARG A 269 -9.91 10.37 11.68
CA ARG A 269 -9.11 11.34 10.94
C ARG A 269 -9.53 12.78 11.14
N SER A 270 -10.77 13.00 11.54
CA SER A 270 -11.26 14.36 11.78
C SER A 270 -11.53 14.51 13.27
N GLY A 271 -11.15 13.49 14.03
CA GLY A 271 -11.35 13.51 15.47
C GLY A 271 -10.03 13.82 16.16
N ASN A 272 -9.91 13.43 17.42
CA ASN A 272 -8.70 13.69 18.18
C ASN A 272 -8.24 12.45 18.96
N SER A 273 -7.54 12.70 20.07
CA SER A 273 -7.02 11.65 20.93
C SER A 273 -8.19 10.87 21.54
N ARG A 274 -9.33 11.54 21.67
CA ARG A 274 -10.52 10.93 22.23
C ARG A 274 -11.02 9.77 21.37
N GLU A 275 -11.19 10.03 20.07
CA GLU A 275 -11.65 9.01 19.14
C GLU A 275 -10.67 7.83 19.09
N ARG A 276 -9.39 8.13 19.00
CA ARG A 276 -8.39 7.08 18.96
C ARG A 276 -8.45 6.22 20.23
N GLU A 277 -8.64 6.87 21.37
CA GLU A 277 -8.76 6.20 22.67
C GLU A 277 -9.96 5.24 22.70
N MET A 278 -11.08 5.69 22.15
CA MET A 278 -12.30 4.87 22.14
C MET A 278 -12.16 3.68 21.18
N PHE A 279 -11.49 3.90 20.07
CA PHE A 279 -11.28 2.86 19.06
C PHE A 279 -10.33 1.82 19.65
N VAL A 280 -9.29 2.32 20.33
CA VAL A 280 -8.28 1.47 20.96
C VAL A 280 -8.89 0.60 22.04
N GLN A 281 -9.83 1.15 22.80
CA GLN A 281 -10.48 0.38 23.86
C GLN A 281 -11.38 -0.67 23.25
N GLU A 282 -12.16 -0.28 22.25
CA GLU A 282 -13.08 -1.21 21.62
C GLU A 282 -12.35 -2.38 20.98
N VAL A 283 -11.13 -2.14 20.51
CA VAL A 283 -10.33 -3.21 19.90
C VAL A 283 -9.90 -4.19 20.99
N ARG A 284 -9.53 -3.67 22.15
CA ARG A 284 -9.11 -4.53 23.26
C ARG A 284 -10.31 -5.33 23.79
N ARG A 285 -11.50 -4.75 23.72
CA ARG A 285 -12.69 -5.42 24.19
C ARG A 285 -13.20 -6.46 23.19
N TYR A 286 -13.34 -6.03 21.95
CA TYR A 286 -13.88 -6.85 20.87
C TYR A 286 -13.14 -8.13 20.48
N TYR A 287 -11.88 -7.99 20.10
CA TYR A 287 -11.09 -9.12 19.65
C TYR A 287 -10.48 -9.95 20.77
N PRO A 288 -10.31 -11.26 20.53
CA PRO A 288 -9.73 -12.15 21.52
C PRO A 288 -8.20 -12.09 21.62
N PHE A 289 -7.68 -12.18 22.84
CA PHE A 289 -6.24 -12.20 23.10
C PHE A 289 -6.04 -12.99 24.39
N GLY A 290 -6.31 -12.37 25.53
CA GLY A 290 -6.17 -13.06 26.80
C GLY A 290 -7.31 -14.04 26.93
N PRO A 291 -7.03 -15.35 26.95
CA PRO A 291 -8.09 -16.36 27.05
C PRO A 291 -8.88 -16.28 28.36
N PHE A 292 -8.29 -16.84 29.40
CA PHE A 292 -8.90 -16.90 30.72
C PHE A 292 -7.79 -17.08 31.74
N LEU A 293 -8.11 -16.89 33.01
CA LEU A 293 -7.12 -17.01 34.05
C LEU A 293 -7.41 -18.14 35.03
N GLY A 294 -6.35 -18.68 35.61
CA GLY A 294 -6.48 -19.75 36.58
C GLY A 294 -6.15 -19.28 37.99
N ALA A 295 -6.83 -19.84 38.97
CA ALA A 295 -6.61 -19.50 40.37
C ALA A 295 -6.99 -20.73 41.19
N LEU A 296 -6.56 -20.73 42.44
CA LEU A 296 -6.84 -21.85 43.32
C LEU A 296 -7.65 -21.34 44.51
N VAL A 297 -8.72 -22.07 44.84
CA VAL A 297 -9.56 -21.68 45.97
C VAL A 297 -8.76 -21.92 47.25
N LYS A 298 -8.53 -20.85 48.01
CA LYS A 298 -7.78 -20.94 49.26
C LYS A 298 -8.58 -21.62 50.35
N LYS A 299 -9.72 -21.03 50.69
CA LYS A 299 -10.58 -21.56 51.73
C LYS A 299 -11.99 -21.78 51.21
N ASP A 300 -12.78 -22.56 51.93
CA ASP A 300 -14.15 -22.82 51.53
C ASP A 300 -14.96 -21.55 51.68
N PHE A 301 -15.74 -21.22 50.66
CA PHE A 301 -16.59 -20.04 50.72
C PHE A 301 -17.80 -20.22 49.83
N VAL A 302 -18.86 -19.50 50.13
CA VAL A 302 -20.08 -19.60 49.34
C VAL A 302 -20.33 -18.30 48.60
N TRP A 303 -20.56 -18.41 47.30
CA TRP A 303 -20.85 -17.25 46.47
C TRP A 303 -21.85 -17.69 45.41
N ASN A 304 -22.83 -16.84 45.12
CA ASN A 304 -23.84 -17.15 44.12
C ASN A 304 -24.48 -18.49 44.45
N ASN A 305 -24.85 -18.67 45.72
CA ASN A 305 -25.48 -19.89 46.21
C ASN A 305 -24.65 -21.14 45.90
N CYS A 306 -23.43 -20.95 45.42
CA CYS A 306 -22.54 -22.09 45.13
C CYS A 306 -21.44 -22.18 46.17
N GLU A 307 -21.01 -23.41 46.46
CA GLU A 307 -19.95 -23.62 47.43
C GLU A 307 -18.63 -23.94 46.73
N PHE A 308 -17.60 -23.18 47.07
CA PHE A 308 -16.27 -23.38 46.51
C PHE A 308 -15.38 -24.06 47.56
N LYS A 309 -15.04 -25.32 47.34
CA LYS A 309 -14.17 -26.02 48.30
C LYS A 309 -12.71 -25.58 48.14
N LYS A 310 -11.95 -25.66 49.24
CA LYS A 310 -10.55 -25.27 49.21
C LYS A 310 -9.82 -26.25 48.30
N GLY A 311 -8.91 -25.71 47.49
CA GLY A 311 -8.17 -26.57 46.58
C GLY A 311 -8.72 -26.66 45.17
N THR A 312 -10.02 -26.44 44.98
CA THR A 312 -10.57 -26.53 43.63
C THR A 312 -9.97 -25.44 42.76
N SER A 313 -9.76 -25.77 41.48
CA SER A 313 -9.19 -24.84 40.52
C SER A 313 -10.35 -24.05 39.90
N VAL A 314 -10.07 -22.81 39.49
CA VAL A 314 -11.09 -21.97 38.86
C VAL A 314 -10.50 -21.22 37.66
N LEU A 315 -11.33 -21.07 36.63
CA LEU A 315 -10.97 -20.34 35.42
C LEU A 315 -11.95 -19.18 35.30
N LEU A 316 -11.42 -17.98 35.07
CA LEU A 316 -12.25 -16.80 34.91
C LEU A 316 -12.21 -16.41 33.44
N ASP A 317 -13.35 -16.53 32.78
CA ASP A 317 -13.50 -16.23 31.35
C ASP A 317 -13.31 -14.75 31.05
N LEU A 318 -12.23 -14.41 30.35
CA LEU A 318 -11.94 -13.03 29.98
C LEU A 318 -12.70 -12.66 28.70
N TYR A 319 -12.56 -13.47 27.65
CA TYR A 319 -13.23 -13.20 26.40
C TYR A 319 -14.74 -13.03 26.62
N GLY A 320 -15.32 -13.97 27.35
CA GLY A 320 -16.76 -13.95 27.62
C GLY A 320 -17.26 -12.74 28.40
N THR A 321 -16.52 -12.37 29.44
CA THR A 321 -16.89 -11.21 30.25
C THR A 321 -16.85 -9.96 29.39
N ASN A 322 -15.87 -9.87 28.50
CA ASN A 322 -15.76 -8.70 27.63
C ASN A 322 -16.90 -8.62 26.62
N HIS A 323 -17.60 -9.73 26.42
CA HIS A 323 -18.72 -9.77 25.48
C HIS A 323 -20.03 -10.09 26.22
N ASP A 324 -20.15 -9.63 27.47
CA ASP A 324 -21.33 -9.90 28.29
C ASP A 324 -22.42 -8.86 28.00
N PRO A 325 -23.58 -9.31 27.50
CA PRO A 325 -24.66 -8.35 27.19
C PRO A 325 -25.13 -7.55 28.40
N ARG A 326 -24.79 -8.01 29.60
CA ARG A 326 -25.19 -7.30 30.81
C ARG A 326 -24.40 -6.02 30.97
N LEU A 327 -23.23 -5.96 30.33
CA LEU A 327 -22.36 -4.81 30.43
C LEU A 327 -22.18 -4.09 29.10
N TRP A 328 -22.42 -4.80 28.01
CA TRP A 328 -22.20 -4.20 26.71
C TRP A 328 -23.34 -4.34 25.71
N ASP A 329 -23.96 -3.22 25.37
CA ASP A 329 -25.06 -3.26 24.40
C ASP A 329 -24.47 -3.81 23.10
N HIS A 330 -25.15 -4.80 22.51
CA HIS A 330 -24.67 -5.45 21.29
C HIS A 330 -23.20 -5.80 21.45
N PRO A 331 -22.87 -6.60 22.47
CA PRO A 331 -21.50 -7.01 22.75
C PRO A 331 -20.70 -7.48 21.54
N ASP A 332 -21.35 -8.20 20.63
CA ASP A 332 -20.66 -8.70 19.46
C ASP A 332 -20.55 -7.77 18.25
N GLU A 333 -20.67 -6.46 18.48
CA GLU A 333 -20.52 -5.49 17.41
C GLU A 333 -19.33 -4.60 17.76
N PHE A 334 -18.52 -4.26 16.76
CA PHE A 334 -17.38 -3.39 16.99
C PHE A 334 -17.92 -1.95 16.93
N ARG A 335 -18.10 -1.34 18.09
CA ARG A 335 -18.59 0.04 18.15
C ARG A 335 -17.80 0.88 19.14
N PRO A 336 -16.77 1.60 18.66
CA PRO A 336 -15.94 2.46 19.51
C PRO A 336 -16.74 3.52 20.29
N GLU A 337 -17.81 4.01 19.69
CA GLU A 337 -18.63 5.04 20.33
C GLU A 337 -19.25 4.57 21.65
N ARG A 338 -19.33 3.26 21.86
CA ARG A 338 -19.89 2.74 23.09
C ARG A 338 -19.06 3.22 24.28
N PHE A 339 -17.87 3.75 23.99
CA PHE A 339 -16.99 4.24 25.04
C PHE A 339 -17.09 5.73 25.30
N ALA A 340 -18.02 6.40 24.63
CA ALA A 340 -18.18 7.83 24.85
C ALA A 340 -18.84 8.04 26.20
N GLU A 341 -18.10 8.68 27.10
CA GLU A 341 -18.58 8.97 28.45
C GLU A 341 -19.03 7.73 29.23
N ARG A 342 -18.07 6.92 29.68
CA ARG A 342 -18.39 5.72 30.45
C ARG A 342 -17.51 5.65 31.69
N GLU A 343 -18.10 5.92 32.85
CA GLU A 343 -17.34 5.89 34.10
C GLU A 343 -16.48 4.64 34.17
N GLU A 344 -15.24 4.82 34.61
CA GLU A 344 -14.31 3.71 34.71
C GLU A 344 -14.87 2.64 35.63
N ASN A 345 -14.43 1.41 35.41
CA ASN A 345 -14.85 0.26 36.19
C ASN A 345 -13.76 -0.79 36.02
N LEU A 346 -13.24 -1.28 37.13
CA LEU A 346 -12.16 -2.25 37.11
C LEU A 346 -12.59 -3.70 36.91
N PHE A 347 -13.84 -3.94 36.53
CA PHE A 347 -14.31 -5.30 36.34
C PHE A 347 -15.22 -5.57 35.16
N ASP A 348 -15.79 -4.52 34.56
CA ASP A 348 -16.70 -4.73 33.44
C ASP A 348 -15.98 -5.11 32.16
N MET A 349 -14.77 -4.59 31.99
CA MET A 349 -13.94 -4.90 30.83
C MET A 349 -12.61 -5.37 31.42
N ILE A 350 -12.17 -6.56 31.04
CA ILE A 350 -10.91 -7.10 31.59
C ILE A 350 -10.07 -7.90 30.59
N PRO A 351 -9.76 -7.32 29.42
CA PRO A 351 -8.96 -8.06 28.43
C PRO A 351 -7.51 -8.26 28.92
N GLN A 352 -7.12 -7.49 29.93
CA GLN A 352 -5.79 -7.61 30.51
C GLN A 352 -5.96 -7.70 32.01
N GLY A 353 -6.99 -8.43 32.42
CA GLY A 353 -7.26 -8.62 33.84
C GLY A 353 -8.11 -7.53 34.47
N GLY A 354 -8.63 -7.83 35.67
CA GLY A 354 -9.45 -6.88 36.39
C GLY A 354 -8.88 -6.52 37.76
N GLY A 355 -9.56 -5.65 38.49
CA GLY A 355 -9.11 -5.25 39.82
C GLY A 355 -8.02 -4.19 39.83
N HIS A 356 -7.28 -4.14 40.93
CA HIS A 356 -6.17 -3.17 41.07
C HIS A 356 -4.85 -3.90 40.78
N ALA A 357 -4.02 -3.28 39.95
CA ALA A 357 -2.74 -3.85 39.57
C ALA A 357 -1.81 -3.90 40.77
N GLU A 358 -1.90 -2.89 41.63
CA GLU A 358 -1.05 -2.80 42.81
C GLU A 358 -1.54 -3.66 43.96
N LYS A 359 -2.71 -4.25 43.81
CA LYS A 359 -3.25 -5.09 44.87
C LYS A 359 -3.41 -6.54 44.43
N GLY A 360 -3.38 -6.77 43.13
CA GLY A 360 -3.54 -8.13 42.62
C GLY A 360 -2.67 -8.38 41.40
N HIS A 361 -3.07 -9.36 40.59
CA HIS A 361 -2.30 -9.74 39.41
C HIS A 361 -2.64 -9.03 38.10
N ARG A 362 -3.53 -8.05 38.14
CA ARG A 362 -3.91 -7.31 36.94
C ARG A 362 -2.66 -6.91 36.15
N CYS A 363 -2.76 -6.89 34.83
CA CYS A 363 -1.64 -6.53 33.96
C CYS A 363 -1.17 -5.10 34.21
N PRO A 364 0.13 -4.90 34.49
CA PRO A 364 0.68 -3.56 34.74
C PRO A 364 1.06 -2.86 33.43
N GLY A 365 1.03 -3.62 32.32
CA GLY A 365 1.38 -3.03 31.05
C GLY A 365 0.23 -2.42 30.26
N GLU A 366 -0.96 -2.32 30.88
CA GLU A 366 -2.13 -1.76 30.20
C GLU A 366 -1.88 -0.39 29.60
N GLY A 367 -1.36 0.52 30.40
CA GLY A 367 -1.08 1.87 29.92
C GLY A 367 -0.20 1.85 28.70
N ILE A 368 0.87 1.05 28.75
CA ILE A 368 1.80 0.95 27.63
C ILE A 368 1.09 0.39 26.40
N THR A 369 0.25 -0.62 26.61
CA THR A 369 -0.49 -1.28 25.54
C THR A 369 -1.38 -0.26 24.82
N ILE A 370 -2.08 0.53 25.62
CA ILE A 370 -2.98 1.55 25.12
C ILE A 370 -2.22 2.64 24.34
N GLU A 371 -1.21 3.23 24.95
CA GLU A 371 -0.47 4.29 24.29
C GLU A 371 0.22 3.84 23.00
N VAL A 372 0.75 2.61 22.98
CA VAL A 372 1.41 2.10 21.78
C VAL A 372 0.37 1.88 20.68
N MET A 373 -0.80 1.38 21.05
CA MET A 373 -1.85 1.17 20.06
C MET A 373 -2.32 2.52 19.53
N LYS A 374 -2.56 3.48 20.42
CA LYS A 374 -3.00 4.79 19.98
C LYS A 374 -1.98 5.38 19.02
N ALA A 375 -0.70 5.28 19.36
CA ALA A 375 0.35 5.81 18.50
C ALA A 375 0.36 5.11 17.17
N SER A 376 0.21 3.79 17.20
CA SER A 376 0.21 2.99 16.00
C SER A 376 -1.05 3.24 15.16
N LEU A 377 -2.19 3.44 15.81
CA LEU A 377 -3.42 3.72 15.09
C LEU A 377 -3.29 5.06 14.37
N ASP A 378 -2.78 6.05 15.09
CA ASP A 378 -2.60 7.38 14.55
C ASP A 378 -1.77 7.35 13.27
N PHE A 379 -0.69 6.57 13.29
CA PHE A 379 0.20 6.42 12.15
C PHE A 379 -0.52 5.85 10.93
N LEU A 380 -1.33 4.82 11.16
CA LEU A 380 -2.06 4.18 10.06
C LEU A 380 -3.18 5.05 9.53
N VAL A 381 -3.65 5.98 10.33
CA VAL A 381 -4.73 6.86 9.94
C VAL A 381 -4.29 8.15 9.25
N HIS A 382 -3.23 8.78 9.76
CA HIS A 382 -2.75 10.04 9.17
C HIS A 382 -1.48 9.99 8.33
N GLN A 383 -0.50 9.18 8.73
CA GLN A 383 0.78 9.12 8.04
C GLN A 383 0.90 8.44 6.67
N ILE A 384 0.08 7.43 6.40
CA ILE A 384 0.17 6.75 5.12
C ILE A 384 -1.15 6.34 4.49
N GLU A 385 -1.06 5.86 3.25
CA GLU A 385 -2.19 5.37 2.49
C GLU A 385 -1.76 4.01 1.94
N TYR A 386 -2.70 3.09 1.83
CA TYR A 386 -2.35 1.76 1.36
C TYR A 386 -3.56 0.94 0.94
N ASP A 387 -3.28 -0.18 0.27
CA ASP A 387 -4.32 -1.10 -0.17
C ASP A 387 -4.25 -2.36 0.67
N VAL A 388 -5.37 -3.06 0.73
CA VAL A 388 -5.48 -4.31 1.46
C VAL A 388 -5.87 -5.31 0.39
N PRO A 389 -4.89 -5.94 -0.26
CA PRO A 389 -5.16 -6.91 -1.32
C PRO A 389 -5.94 -8.13 -0.86
N GLU A 390 -6.45 -8.88 -1.83
CA GLU A 390 -7.21 -10.10 -1.56
C GLU A 390 -6.34 -11.00 -0.70
N GLN A 391 -6.86 -11.40 0.46
CA GLN A 391 -6.11 -12.24 1.38
C GLN A 391 -7.05 -12.83 2.41
N SER A 392 -6.57 -13.79 3.19
CA SER A 392 -7.40 -14.39 4.22
C SER A 392 -7.24 -13.57 5.52
N LEU A 393 -8.30 -12.86 5.88
CA LEU A 393 -8.30 -12.05 7.08
C LEU A 393 -8.96 -12.76 8.25
N HIS A 394 -9.47 -13.95 7.98
CA HIS A 394 -10.15 -14.74 9.01
C HIS A 394 -9.27 -15.00 10.23
N TYR A 395 -9.85 -14.85 11.42
CA TYR A 395 -9.15 -15.13 12.67
C TYR A 395 -10.02 -16.11 13.47
N SER A 396 -9.47 -17.29 13.72
CA SER A 396 -10.19 -18.34 14.45
C SER A 396 -10.30 -18.07 15.94
N LEU A 397 -11.49 -18.32 16.50
CA LEU A 397 -11.71 -18.13 17.92
C LEU A 397 -11.41 -19.44 18.66
N ALA A 398 -10.97 -20.45 17.91
CA ALA A 398 -10.65 -21.74 18.49
C ALA A 398 -9.14 -21.91 18.69
N ARG A 399 -8.37 -20.89 18.29
CA ARG A 399 -6.91 -20.91 18.41
C ARG A 399 -6.46 -19.80 19.37
N MET A 400 -5.62 -20.16 20.32
CA MET A 400 -5.15 -19.18 21.31
C MET A 400 -3.62 -19.08 21.29
N PRO A 401 -3.08 -17.90 20.99
CA PRO A 401 -3.81 -16.67 20.68
C PRO A 401 -4.30 -16.68 19.24
N SER A 402 -5.15 -15.72 18.90
CA SER A 402 -5.67 -15.66 17.54
C SER A 402 -5.10 -14.50 16.74
N LEU A 403 -5.14 -14.62 15.42
CA LEU A 403 -4.63 -13.56 14.53
C LEU A 403 -5.12 -13.76 13.11
N PRO A 404 -5.43 -12.67 12.41
CA PRO A 404 -5.89 -12.80 11.02
C PRO A 404 -4.84 -13.62 10.26
N GLU A 405 -5.28 -14.73 9.68
CA GLU A 405 -4.43 -15.67 8.95
C GLU A 405 -3.23 -15.13 8.13
N SER A 406 -3.46 -14.07 7.39
CA SER A 406 -2.40 -13.49 6.55
C SER A 406 -1.47 -12.59 7.34
N GLY A 407 -1.89 -12.17 8.53
CA GLY A 407 -1.08 -11.29 9.32
C GLY A 407 -1.27 -9.85 8.85
N PHE A 408 -2.30 -9.64 8.04
CA PHE A 408 -2.66 -8.34 7.48
C PHE A 408 -1.60 -7.84 6.51
N VAL A 409 -1.86 -8.05 5.22
CA VAL A 409 -0.95 -7.66 4.14
C VAL A 409 -1.37 -6.32 3.53
N MET A 410 -0.39 -5.41 3.43
CA MET A 410 -0.61 -4.08 2.88
C MET A 410 0.27 -3.88 1.64
N SER A 411 -0.32 -3.34 0.58
CA SER A 411 0.41 -3.12 -0.66
C SER A 411 0.18 -1.69 -1.16
N GLY A 412 0.91 -1.31 -2.20
CA GLY A 412 0.78 0.03 -2.76
C GLY A 412 0.81 1.09 -1.67
N ILE A 413 1.71 0.91 -0.71
CA ILE A 413 1.82 1.85 0.40
C ILE A 413 2.39 3.17 -0.09
N ARG A 414 1.89 4.27 0.48
CA ARG A 414 2.35 5.62 0.11
C ARG A 414 2.21 6.60 1.26
N ARG A 415 3.21 7.48 1.38
CA ARG A 415 3.20 8.50 2.43
C ARG A 415 2.01 9.41 2.18
N LYS A 416 1.45 9.95 3.25
CA LYS A 416 0.29 10.83 3.16
C LYS A 416 0.61 12.21 3.73
N PRO B 6 -14.47 -7.24 -31.97
CA PRO B 6 -14.44 -6.67 -30.60
C PRO B 6 -12.99 -6.57 -30.16
N HIS B 7 -12.62 -5.40 -29.65
CA HIS B 7 -11.24 -5.16 -29.25
C HIS B 7 -11.10 -4.62 -27.83
N ASP B 8 -10.34 -5.35 -27.01
CA ASP B 8 -10.06 -4.93 -25.64
C ASP B 8 -8.84 -4.02 -25.83
N LYS B 9 -8.94 -2.77 -25.40
CA LYS B 9 -7.84 -1.82 -25.58
C LYS B 9 -6.86 -1.69 -24.41
N SER B 10 -7.16 -2.36 -23.30
CA SER B 10 -6.27 -2.29 -22.14
C SER B 10 -4.82 -2.57 -22.54
N LEU B 11 -3.90 -1.95 -21.83
CA LEU B 11 -2.46 -2.10 -22.10
C LEU B 11 -1.82 -2.99 -21.02
N ASP B 12 -2.62 -3.36 -20.03
CA ASP B 12 -2.16 -4.17 -18.92
C ASP B 12 -2.80 -5.55 -18.92
N ASN B 13 -3.27 -6.00 -20.08
CA ASN B 13 -3.92 -7.30 -20.17
C ASN B 13 -3.12 -8.46 -19.61
N SER B 14 -1.82 -8.51 -19.91
CA SER B 14 -1.00 -9.59 -19.41
C SER B 14 -1.09 -9.64 -17.89
N LEU B 15 -1.04 -8.47 -17.25
CA LEU B 15 -1.14 -8.42 -15.80
C LEU B 15 -2.53 -8.87 -15.32
N THR B 16 -3.58 -8.33 -15.93
CA THR B 16 -4.94 -8.73 -15.55
C THR B 16 -5.11 -10.26 -15.74
N LEU B 17 -4.40 -10.84 -16.70
CA LEU B 17 -4.47 -12.29 -16.92
C LEU B 17 -3.94 -13.02 -15.68
N LEU B 18 -2.90 -12.46 -15.08
CA LEU B 18 -2.32 -13.04 -13.88
C LEU B 18 -3.29 -12.94 -12.71
N LYS B 19 -4.10 -11.87 -12.67
CA LYS B 19 -5.03 -11.72 -11.57
C LYS B 19 -6.38 -12.39 -11.76
N GLU B 20 -6.77 -12.66 -13.00
CA GLU B 20 -8.06 -13.30 -13.24
C GLU B 20 -7.95 -14.80 -13.51
N GLY B 21 -6.81 -15.23 -14.06
CA GLY B 21 -6.59 -16.65 -14.34
C GLY B 21 -7.59 -17.31 -15.27
N TYR B 22 -8.20 -18.40 -14.81
CA TYR B 22 -9.18 -19.14 -15.60
C TYR B 22 -10.42 -18.30 -16.00
N LEU B 23 -10.54 -17.08 -15.48
CA LEU B 23 -11.69 -16.23 -15.82
C LEU B 23 -11.33 -15.09 -16.75
N PHE B 24 -10.05 -15.00 -17.12
CA PHE B 24 -9.62 -13.93 -17.98
C PHE B 24 -10.40 -13.89 -19.29
N ILE B 25 -10.32 -14.96 -20.05
CA ILE B 25 -11.02 -15.04 -21.33
C ILE B 25 -12.54 -14.99 -21.14
N LYS B 26 -13.03 -15.77 -20.20
CA LYS B 26 -14.45 -15.87 -19.92
C LYS B 26 -15.09 -14.54 -19.54
N ASN B 27 -14.46 -13.78 -18.65
CA ASN B 27 -15.00 -12.51 -18.24
C ASN B 27 -15.18 -11.60 -19.45
N ARG B 28 -14.25 -11.68 -20.38
CA ARG B 28 -14.29 -10.84 -21.55
C ARG B 28 -15.23 -11.29 -22.67
N THR B 29 -15.38 -12.59 -22.87
CA THR B 29 -16.32 -13.04 -23.89
C THR B 29 -17.71 -12.65 -23.40
N GLU B 30 -17.97 -12.86 -22.12
CA GLU B 30 -19.26 -12.49 -21.55
C GLU B 30 -19.49 -10.99 -21.69
N ARG B 31 -18.47 -10.20 -21.38
CA ARG B 31 -18.54 -8.74 -21.49
C ARG B 31 -18.97 -8.28 -22.89
N TYR B 32 -18.34 -8.83 -23.92
CA TYR B 32 -18.62 -8.46 -25.32
C TYR B 32 -19.67 -9.32 -25.99
N ASN B 33 -20.25 -10.27 -25.28
CA ASN B 33 -21.25 -11.14 -25.87
C ASN B 33 -20.79 -11.61 -27.24
N SER B 34 -19.54 -12.07 -27.28
CA SER B 34 -18.92 -12.56 -28.50
C SER B 34 -18.12 -13.79 -28.15
N ASP B 35 -17.94 -14.68 -29.11
CA ASP B 35 -17.16 -15.89 -28.88
C ASP B 35 -15.67 -15.63 -29.12
N LEU B 36 -15.34 -14.44 -29.63
CA LEU B 36 -13.96 -14.09 -29.88
C LEU B 36 -13.70 -12.60 -29.72
N PHE B 37 -12.49 -12.26 -29.27
CA PHE B 37 -12.11 -10.86 -29.10
C PHE B 37 -10.60 -10.71 -29.26
N GLN B 38 -10.17 -9.55 -29.72
CA GLN B 38 -8.76 -9.31 -29.93
C GLN B 38 -8.17 -8.53 -28.76
N ALA B 39 -6.89 -8.74 -28.50
CA ALA B 39 -6.22 -8.04 -27.41
C ALA B 39 -4.73 -8.31 -27.42
N ARG B 40 -3.97 -7.36 -26.88
CA ARG B 40 -2.54 -7.50 -26.78
C ARG B 40 -2.29 -8.27 -25.48
N LEU B 41 -1.69 -9.46 -25.61
CA LEU B 41 -1.41 -10.33 -24.47
C LEU B 41 -0.07 -10.99 -24.65
N LEU B 42 0.68 -11.14 -23.57
CA LEU B 42 2.00 -11.75 -23.64
C LEU B 42 2.87 -11.12 -24.72
N GLY B 43 2.81 -9.81 -24.82
CA GLY B 43 3.60 -9.09 -25.80
C GLY B 43 3.23 -9.35 -27.24
N LYS B 44 2.03 -9.86 -27.49
CA LYS B 44 1.60 -10.15 -28.85
C LYS B 44 0.11 -9.94 -29.11
N ASN B 45 -0.23 -9.60 -30.35
CA ASN B 45 -1.62 -9.39 -30.72
C ASN B 45 -2.33 -10.73 -30.69
N PHE B 46 -3.32 -10.85 -29.81
CA PHE B 46 -4.06 -12.09 -29.66
C PHE B 46 -5.54 -12.01 -29.99
N ILE B 47 -6.04 -13.13 -30.50
CA ILE B 47 -7.46 -13.27 -30.77
C ILE B 47 -7.81 -14.41 -29.81
N CYS B 48 -8.63 -14.11 -28.81
CA CYS B 48 -9.05 -15.11 -27.83
C CYS B 48 -10.41 -15.65 -28.22
N MET B 49 -10.59 -16.97 -28.14
CA MET B 49 -11.86 -17.57 -28.50
C MET B 49 -12.34 -18.66 -27.56
N THR B 50 -13.66 -18.86 -27.57
CA THR B 50 -14.29 -19.86 -26.70
C THR B 50 -15.52 -20.44 -27.39
N GLY B 51 -15.85 -21.69 -27.04
CA GLY B 51 -17.00 -22.34 -27.62
C GLY B 51 -16.64 -23.58 -28.42
N ALA B 52 -17.57 -24.53 -28.48
CA ALA B 52 -17.34 -25.76 -29.22
C ALA B 52 -16.96 -25.48 -30.67
N GLU B 53 -17.60 -24.48 -31.26
CA GLU B 53 -17.35 -24.12 -32.66
C GLU B 53 -15.93 -23.58 -32.87
N ALA B 54 -15.52 -22.68 -31.98
CA ALA B 54 -14.18 -22.12 -32.05
C ALA B 54 -13.16 -23.25 -31.91
N ALA B 55 -13.39 -24.13 -30.95
CA ALA B 55 -12.49 -25.25 -30.70
C ALA B 55 -12.33 -26.11 -31.95
N LYS B 56 -13.43 -26.34 -32.64
CA LYS B 56 -13.41 -27.14 -33.86
C LYS B 56 -12.50 -26.46 -34.88
N VAL B 57 -12.52 -25.14 -34.90
CA VAL B 57 -11.69 -24.37 -35.81
C VAL B 57 -10.22 -24.39 -35.33
N PHE B 58 -10.03 -24.21 -34.04
CA PHE B 58 -8.71 -24.22 -33.43
C PHE B 58 -7.96 -25.51 -33.78
N TYR B 59 -8.69 -26.61 -33.84
CA TYR B 59 -8.09 -27.91 -34.14
C TYR B 59 -7.93 -28.28 -35.61
N ASP B 60 -8.19 -27.33 -36.51
CA ASP B 60 -8.01 -27.59 -37.92
C ASP B 60 -6.54 -27.30 -38.22
N THR B 61 -5.77 -28.37 -38.38
CA THR B 61 -4.34 -28.24 -38.65
C THR B 61 -3.95 -27.49 -39.92
N ASP B 62 -4.94 -27.14 -40.73
CA ASP B 62 -4.67 -26.39 -41.95
C ASP B 62 -4.71 -24.90 -41.64
N ARG B 63 -5.48 -24.54 -40.62
CA ARG B 63 -5.64 -23.15 -40.22
C ARG B 63 -4.79 -22.75 -39.00
N PHE B 64 -4.26 -23.73 -38.27
CA PHE B 64 -3.47 -23.45 -37.08
C PHE B 64 -2.28 -24.40 -36.90
N GLN B 65 -1.17 -23.83 -36.46
CA GLN B 65 0.05 -24.58 -36.18
C GLN B 65 0.38 -24.25 -34.73
N ARG B 66 1.21 -25.07 -34.10
CA ARG B 66 1.61 -24.81 -32.71
C ARG B 66 3.04 -24.29 -32.64
N GLN B 67 3.76 -24.39 -33.76
CA GLN B 67 5.15 -23.92 -33.84
C GLN B 67 5.26 -22.43 -33.54
N ASN B 68 6.00 -22.10 -32.48
CA ASN B 68 6.19 -20.73 -32.03
C ASN B 68 4.91 -20.12 -31.45
N ALA B 69 4.00 -20.98 -31.00
CA ALA B 69 2.73 -20.54 -30.44
C ALA B 69 2.81 -20.04 -29.01
N LEU B 70 3.53 -20.73 -28.14
CA LEU B 70 3.63 -20.27 -26.75
C LEU B 70 5.04 -19.92 -26.32
N PRO B 71 5.18 -18.84 -25.56
CA PRO B 71 6.46 -18.32 -25.04
C PRO B 71 7.37 -19.37 -24.44
N LYS B 72 8.66 -19.05 -24.40
CA LYS B 72 9.67 -19.95 -23.90
C LYS B 72 9.49 -20.30 -22.43
N ARG B 73 8.96 -19.37 -21.65
CA ARG B 73 8.77 -19.59 -20.22
C ARG B 73 7.94 -20.84 -19.92
N VAL B 74 7.10 -21.25 -20.87
CA VAL B 74 6.27 -22.44 -20.65
C VAL B 74 7.09 -23.69 -20.95
N GLN B 75 7.93 -23.61 -21.98
CA GLN B 75 8.81 -24.71 -22.36
C GLN B 75 9.84 -24.92 -21.27
N LYS B 76 10.43 -23.82 -20.81
CA LYS B 76 11.46 -23.86 -19.76
C LYS B 76 10.93 -24.39 -18.42
N SER B 77 9.63 -24.45 -18.26
CA SER B 77 9.09 -24.91 -16.99
C SER B 77 8.28 -26.18 -17.09
N LEU B 78 7.14 -26.08 -17.75
CA LEU B 78 6.24 -27.20 -17.89
C LEU B 78 6.58 -28.28 -18.92
N PHE B 79 6.66 -27.89 -20.20
CA PHE B 79 6.89 -28.84 -21.28
C PHE B 79 8.28 -29.30 -21.66
N GLY B 80 9.22 -28.37 -21.68
CA GLY B 80 10.57 -28.71 -22.10
C GLY B 80 10.73 -28.00 -23.44
N VAL B 81 11.93 -27.55 -23.75
CA VAL B 81 12.21 -26.87 -25.00
C VAL B 81 12.09 -27.78 -26.21
N ASN B 82 11.24 -27.41 -27.17
CA ASN B 82 11.03 -28.15 -28.42
C ASN B 82 10.45 -29.57 -28.38
N ALA B 83 9.64 -29.85 -27.36
CA ALA B 83 9.02 -31.16 -27.24
C ALA B 83 7.79 -31.22 -28.15
N ILE B 84 7.07 -32.34 -28.08
CA ILE B 84 5.88 -32.56 -28.90
C ILE B 84 4.82 -31.45 -28.96
N GLN B 85 4.60 -30.72 -27.87
CA GLN B 85 3.59 -29.67 -27.82
C GLN B 85 3.73 -28.60 -28.90
N GLY B 86 4.96 -28.34 -29.34
CA GLY B 86 5.20 -27.33 -30.35
C GLY B 86 5.48 -27.88 -31.74
N MET B 87 5.22 -29.16 -31.94
CA MET B 87 5.46 -29.77 -33.23
C MET B 87 4.24 -29.79 -34.17
N ASP B 88 4.50 -29.87 -35.47
CA ASP B 88 3.44 -29.88 -36.48
C ASP B 88 3.62 -30.92 -37.57
N GLY B 89 2.53 -31.18 -38.29
CA GLY B 89 2.54 -32.13 -39.39
C GLY B 89 2.87 -33.57 -39.09
N SER B 90 3.40 -34.25 -40.10
CA SER B 90 3.79 -35.64 -40.00
C SER B 90 4.76 -35.86 -38.83
N ALA B 91 5.71 -34.94 -38.66
CA ALA B 91 6.68 -35.05 -37.57
C ALA B 91 5.95 -35.12 -36.22
N HIS B 92 4.96 -34.24 -36.03
CA HIS B 92 4.18 -34.26 -34.79
C HIS B 92 3.42 -35.57 -34.66
N ILE B 93 2.64 -35.89 -35.70
CA ILE B 93 1.84 -37.12 -35.73
C ILE B 93 2.70 -38.33 -35.39
N HIS B 94 3.93 -38.35 -35.88
CA HIS B 94 4.84 -39.48 -35.66
C HIS B 94 5.17 -39.64 -34.18
N ARG B 95 5.56 -38.54 -33.55
CA ARG B 95 5.90 -38.62 -32.13
C ARG B 95 4.65 -38.87 -31.30
N LYS B 96 3.52 -38.32 -31.73
CA LYS B 96 2.27 -38.50 -31.01
C LYS B 96 1.90 -39.98 -30.95
N MET B 97 2.19 -40.70 -32.03
CA MET B 97 1.90 -42.15 -32.06
C MET B 97 2.69 -42.83 -30.94
N LEU B 98 3.93 -42.41 -30.76
CA LEU B 98 4.77 -42.97 -29.71
C LEU B 98 4.04 -42.85 -28.36
N PHE B 99 3.48 -41.67 -28.12
CA PHE B 99 2.77 -41.43 -26.87
C PHE B 99 1.49 -42.26 -26.78
N LEU B 100 0.74 -42.35 -27.87
CA LEU B 100 -0.50 -43.13 -27.86
C LEU B 100 -0.25 -44.61 -27.60
N SER B 101 0.87 -45.14 -28.10
CA SER B 101 1.15 -46.57 -27.88
C SER B 101 1.34 -46.91 -26.41
N LEU B 102 1.64 -45.91 -25.59
CA LEU B 102 1.85 -46.13 -24.16
C LEU B 102 0.61 -45.75 -23.36
N MET B 103 -0.46 -45.33 -24.02
CA MET B 103 -1.64 -44.89 -23.28
C MET B 103 -2.96 -45.57 -23.63
N THR B 104 -2.84 -46.78 -24.17
CA THR B 104 -3.98 -47.61 -24.57
C THR B 104 -4.65 -48.26 -23.35
N PRO B 105 -5.85 -48.85 -23.52
CA PRO B 105 -6.56 -49.49 -22.41
C PRO B 105 -5.71 -50.39 -21.53
N PRO B 106 -4.83 -51.23 -22.14
CA PRO B 106 -3.99 -52.12 -21.31
C PRO B 106 -3.13 -51.30 -20.34
N HIS B 107 -2.60 -50.18 -20.82
CA HIS B 107 -1.79 -49.30 -19.98
C HIS B 107 -2.67 -48.58 -18.96
N GLN B 108 -3.79 -48.05 -19.44
CA GLN B 108 -4.73 -47.35 -18.58
C GLN B 108 -5.09 -48.24 -17.40
N LYS B 109 -5.55 -49.44 -17.71
CA LYS B 109 -5.94 -50.40 -16.69
C LYS B 109 -4.79 -50.83 -15.80
N ARG B 110 -3.60 -50.95 -16.38
CA ARG B 110 -2.44 -51.35 -15.59
C ARG B 110 -2.14 -50.25 -14.57
N LEU B 111 -2.13 -49.02 -15.05
CA LEU B 111 -1.88 -47.89 -14.16
C LEU B 111 -2.96 -47.76 -13.08
N ALA B 112 -4.21 -48.03 -13.43
CA ALA B 112 -5.31 -47.92 -12.45
C ALA B 112 -5.19 -49.00 -11.38
N GLU B 113 -4.76 -50.19 -11.83
CA GLU B 113 -4.55 -51.35 -10.96
C GLU B 113 -3.41 -51.09 -9.96
N LEU B 114 -2.28 -50.55 -10.44
CA LEU B 114 -1.16 -50.26 -9.53
C LEU B 114 -1.58 -49.19 -8.52
N MET B 115 -2.40 -48.25 -8.94
CA MET B 115 -2.86 -47.22 -8.02
C MET B 115 -3.73 -47.87 -6.93
N THR B 116 -4.66 -48.74 -7.35
CA THR B 116 -5.53 -49.42 -6.40
C THR B 116 -4.73 -50.13 -5.31
N GLU B 117 -3.68 -50.85 -5.71
CA GLU B 117 -2.83 -51.56 -4.75
C GLU B 117 -2.14 -50.61 -3.76
N GLU B 118 -1.65 -49.48 -4.25
CA GLU B 118 -1.00 -48.52 -3.35
C GLU B 118 -2.01 -47.95 -2.35
N TRP B 119 -3.21 -47.58 -2.82
CA TRP B 119 -4.22 -47.05 -1.91
C TRP B 119 -4.49 -48.06 -0.80
N LYS B 120 -4.71 -49.32 -1.16
CA LYS B 120 -4.97 -50.35 -0.16
C LYS B 120 -3.84 -50.49 0.84
N ALA B 121 -2.60 -50.49 0.36
CA ALA B 121 -1.46 -50.59 1.27
C ALA B 121 -1.39 -49.36 2.19
N ALA B 122 -1.79 -48.20 1.68
CA ALA B 122 -1.74 -46.97 2.46
C ALA B 122 -2.67 -46.92 3.68
N VAL B 123 -3.74 -47.70 3.66
CA VAL B 123 -4.70 -47.70 4.77
C VAL B 123 -4.03 -47.96 6.13
N THR B 124 -3.21 -49.02 6.18
CA THR B 124 -2.52 -49.39 7.40
C THR B 124 -1.78 -48.23 8.03
N ARG B 125 -1.10 -47.44 7.20
CA ARG B 125 -0.33 -46.29 7.70
C ARG B 125 -1.23 -45.12 8.09
N TRP B 126 -2.22 -44.84 7.25
CA TRP B 126 -3.14 -43.74 7.50
C TRP B 126 -3.89 -43.93 8.81
N GLU B 127 -4.31 -45.16 9.09
CA GLU B 127 -5.02 -45.45 10.34
C GLU B 127 -4.18 -45.09 11.56
N LYS B 128 -2.86 -45.14 11.42
CA LYS B 128 -1.99 -44.86 12.54
C LYS B 128 -1.67 -43.38 12.64
N ALA B 129 -1.93 -42.65 11.57
CA ALA B 129 -1.65 -41.22 11.54
C ALA B 129 -2.77 -40.37 12.13
N ASP B 130 -2.43 -39.12 12.43
CA ASP B 130 -3.40 -38.18 12.97
C ASP B 130 -4.12 -37.53 11.78
N GLU B 131 -3.35 -36.96 10.86
CA GLU B 131 -3.90 -36.33 9.67
C GLU B 131 -3.12 -36.75 8.44
N VAL B 132 -3.82 -36.80 7.31
CA VAL B 132 -3.21 -37.15 6.04
C VAL B 132 -3.61 -36.08 5.01
N VAL B 133 -2.63 -35.54 4.29
CA VAL B 133 -2.85 -34.54 3.27
C VAL B 133 -2.92 -35.27 1.93
N LEU B 134 -4.12 -35.29 1.34
CA LEU B 134 -4.34 -35.99 0.08
C LEU B 134 -3.42 -35.63 -1.07
N PHE B 135 -3.28 -34.33 -1.35
CA PHE B 135 -2.41 -33.90 -2.44
C PHE B 135 -1.02 -34.50 -2.29
N GLU B 136 -0.48 -34.44 -1.07
CA GLU B 136 0.85 -34.96 -0.79
C GLU B 136 0.93 -36.49 -0.87
N GLU B 137 -0.11 -37.19 -0.43
CA GLU B 137 -0.06 -38.65 -0.51
C GLU B 137 -0.15 -39.04 -1.97
N ALA B 138 -1.03 -38.35 -2.70
CA ALA B 138 -1.25 -38.59 -4.12
C ALA B 138 0.01 -38.39 -4.95
N LYS B 139 0.68 -37.25 -4.77
CA LYS B 139 1.87 -36.94 -5.53
C LYS B 139 2.94 -38.04 -5.37
N GLU B 140 3.19 -38.47 -4.14
CA GLU B 140 4.19 -39.50 -3.90
C GLU B 140 3.79 -40.84 -4.48
N ILE B 141 2.54 -41.24 -4.25
CA ILE B 141 2.09 -42.51 -4.79
C ILE B 141 2.13 -42.46 -6.31
N LEU B 142 1.62 -41.37 -6.87
CA LEU B 142 1.60 -41.21 -8.32
C LEU B 142 3.01 -41.30 -8.91
N CYS B 143 3.98 -40.68 -8.26
CA CYS B 143 5.35 -40.70 -8.76
C CYS B 143 5.91 -42.13 -8.74
N ARG B 144 5.68 -42.83 -7.65
CA ARG B 144 6.16 -44.20 -7.50
C ARG B 144 5.52 -45.11 -8.54
N VAL B 145 4.21 -44.96 -8.74
CA VAL B 145 3.49 -45.78 -9.70
C VAL B 145 3.92 -45.48 -11.14
N ALA B 146 3.97 -44.20 -11.49
CA ALA B 146 4.38 -43.81 -12.84
C ALA B 146 5.74 -44.42 -13.22
N CYS B 147 6.75 -44.18 -12.39
CA CYS B 147 8.10 -44.68 -12.64
C CYS B 147 8.21 -46.19 -12.74
N TYR B 148 7.56 -46.92 -11.84
CA TYR B 148 7.62 -48.37 -11.90
C TYR B 148 6.99 -48.82 -13.22
N TRP B 149 5.83 -48.27 -13.54
CA TRP B 149 5.13 -48.61 -14.79
C TRP B 149 6.00 -48.27 -16.00
N ALA B 150 6.69 -47.13 -15.96
CA ALA B 150 7.54 -46.72 -17.09
C ALA B 150 8.87 -47.46 -17.12
N GLY B 151 9.19 -48.15 -16.04
CA GLY B 151 10.45 -48.88 -15.99
C GLY B 151 11.57 -47.99 -15.49
N VAL B 152 11.20 -46.80 -15.01
CA VAL B 152 12.16 -45.83 -14.49
C VAL B 152 12.57 -46.15 -13.05
N PRO B 153 13.86 -46.39 -12.83
CA PRO B 153 14.31 -46.71 -11.47
C PRO B 153 14.04 -45.51 -10.55
N LEU B 154 13.46 -45.79 -9.38
CA LEU B 154 13.15 -44.75 -8.42
C LEU B 154 13.48 -45.20 -7.00
N LYS B 155 14.45 -44.55 -6.38
CA LYS B 155 14.86 -44.87 -5.02
C LYS B 155 13.89 -44.35 -3.98
N GLU B 156 13.70 -45.16 -2.95
CA GLU B 156 12.80 -44.82 -1.84
C GLU B 156 13.15 -43.46 -1.26
N THR B 157 14.44 -43.15 -1.21
CA THR B 157 14.91 -41.91 -0.64
C THR B 157 14.87 -40.69 -1.57
N GLU B 158 14.43 -40.89 -2.81
CA GLU B 158 14.36 -39.77 -3.76
C GLU B 158 12.91 -39.56 -4.20
N VAL B 159 12.01 -40.37 -3.68
CA VAL B 159 10.61 -40.28 -4.06
C VAL B 159 9.99 -38.91 -3.82
N LYS B 160 10.24 -38.35 -2.65
CA LYS B 160 9.68 -37.04 -2.32
C LYS B 160 10.24 -35.92 -3.20
N GLU B 161 11.54 -35.93 -3.43
CA GLU B 161 12.18 -34.91 -4.24
C GLU B 161 11.79 -34.97 -5.72
N ARG B 162 11.62 -36.18 -6.25
CA ARG B 162 11.25 -36.31 -7.66
C ARG B 162 9.80 -35.89 -7.89
N ALA B 163 8.91 -36.27 -6.97
CA ALA B 163 7.51 -35.89 -7.09
C ALA B 163 7.41 -34.37 -6.97
N ASP B 164 8.12 -33.81 -6.00
CA ASP B 164 8.11 -32.36 -5.79
C ASP B 164 8.58 -31.61 -7.03
N ASP B 165 9.61 -32.13 -7.68
CA ASP B 165 10.13 -31.50 -8.88
C ASP B 165 9.07 -31.53 -9.98
N PHE B 166 8.37 -32.66 -10.10
CA PHE B 166 7.33 -32.76 -11.12
C PHE B 166 6.23 -31.72 -10.85
N ILE B 167 5.77 -31.64 -9.62
CA ILE B 167 4.74 -30.67 -9.30
C ILE B 167 5.23 -29.23 -9.40
N ASP B 168 6.51 -28.96 -9.10
CA ASP B 168 7.01 -27.60 -9.21
C ASP B 168 6.94 -27.19 -10.67
N MET B 169 7.25 -28.10 -11.59
CA MET B 169 7.18 -27.76 -13.00
C MET B 169 5.76 -27.34 -13.33
N VAL B 170 4.83 -28.23 -13.02
CA VAL B 170 3.41 -28.02 -13.25
C VAL B 170 2.89 -26.72 -12.61
N ASP B 171 3.18 -26.56 -11.32
CA ASP B 171 2.75 -25.39 -10.57
C ASP B 171 3.46 -24.12 -11.02
N ALA B 172 4.21 -24.21 -12.11
CA ALA B 172 4.96 -23.05 -12.58
C ALA B 172 4.55 -22.46 -13.95
N PHE B 173 3.72 -23.15 -14.72
CA PHE B 173 3.38 -22.63 -16.03
C PHE B 173 2.71 -21.27 -16.05
N GLY B 174 1.75 -21.04 -15.15
CA GLY B 174 1.07 -19.76 -15.15
C GLY B 174 1.45 -18.84 -14.01
N ALA B 175 2.75 -18.75 -13.71
CA ALA B 175 3.18 -17.91 -12.60
C ALA B 175 4.40 -17.05 -12.89
N VAL B 176 4.62 -16.07 -12.03
CA VAL B 176 5.76 -15.16 -12.11
C VAL B 176 6.44 -15.23 -10.74
N GLY B 177 7.71 -14.84 -10.67
CA GLY B 177 8.39 -14.87 -9.39
C GLY B 177 8.81 -16.26 -8.90
N PRO B 178 8.81 -16.46 -7.56
CA PRO B 178 9.18 -17.72 -6.91
C PRO B 178 8.53 -18.99 -7.43
N ARG B 179 7.22 -18.98 -7.63
CA ARG B 179 6.56 -20.19 -8.11
C ARG B 179 7.05 -20.58 -9.49
N HIS B 180 7.47 -19.59 -10.26
CA HIS B 180 7.97 -19.83 -11.60
C HIS B 180 9.42 -20.29 -11.55
N TRP B 181 10.19 -19.73 -10.62
CA TRP B 181 11.60 -20.09 -10.48
C TRP B 181 11.77 -21.55 -10.11
N LYS B 182 10.94 -22.03 -9.18
CA LYS B 182 10.99 -23.42 -8.75
C LYS B 182 10.85 -24.35 -9.94
N GLY B 183 10.04 -23.95 -10.93
CA GLY B 183 9.86 -24.75 -12.12
C GLY B 183 11.07 -24.69 -13.02
N ARG B 184 11.66 -23.51 -13.14
CA ARG B 184 12.84 -23.35 -13.96
C ARG B 184 13.99 -24.16 -13.36
N ARG B 185 13.99 -24.34 -12.05
CA ARG B 185 15.02 -25.10 -11.38
C ARG B 185 14.75 -26.62 -11.31
N ALA B 186 13.48 -27.02 -11.30
CA ALA B 186 13.15 -28.43 -11.23
C ALA B 186 13.39 -29.14 -12.56
N ARG B 187 12.98 -28.50 -13.65
CA ARG B 187 13.12 -29.06 -14.99
C ARG B 187 14.56 -29.55 -15.27
N PRO B 188 15.56 -28.67 -15.12
CA PRO B 188 16.94 -29.10 -15.36
C PRO B 188 17.32 -30.35 -14.57
N ARG B 189 16.90 -30.42 -13.30
CA ARG B 189 17.20 -31.58 -12.46
C ARG B 189 16.56 -32.85 -12.99
N ALA B 190 15.33 -32.75 -13.48
CA ALA B 190 14.63 -33.92 -13.99
C ALA B 190 15.17 -34.37 -15.34
N GLU B 191 15.34 -33.41 -16.26
CA GLU B 191 15.85 -33.76 -17.57
C GLU B 191 17.22 -34.47 -17.45
N GLU B 192 18.05 -33.97 -16.55
CA GLU B 192 19.39 -34.52 -16.33
C GLU B 192 19.36 -35.90 -15.68
N TRP B 193 18.45 -36.08 -14.74
CA TRP B 193 18.28 -37.35 -14.05
C TRP B 193 17.82 -38.42 -15.05
N ILE B 194 16.80 -38.10 -15.84
CA ILE B 194 16.28 -39.03 -16.82
C ILE B 194 17.21 -39.21 -18.02
N GLU B 195 17.86 -38.13 -18.48
CA GLU B 195 18.76 -38.25 -19.62
C GLU B 195 19.83 -39.30 -19.40
N VAL B 196 20.33 -39.37 -18.17
CA VAL B 196 21.35 -40.34 -17.83
C VAL B 196 20.75 -41.74 -18.00
N MET B 197 19.50 -41.91 -17.62
CA MET B 197 18.85 -43.22 -17.79
C MET B 197 18.72 -43.59 -19.27
N ILE B 198 18.40 -42.63 -20.13
CA ILE B 198 18.28 -42.93 -21.55
C ILE B 198 19.62 -43.44 -22.09
N GLU B 199 20.69 -42.70 -21.85
CA GLU B 199 22.01 -43.08 -22.35
C GLU B 199 22.44 -44.44 -21.82
N ASP B 200 22.13 -44.73 -20.57
CA ASP B 200 22.49 -46.01 -19.98
C ASP B 200 21.73 -47.13 -20.65
N ALA B 201 20.48 -46.83 -21.04
CA ALA B 201 19.64 -47.82 -21.68
C ALA B 201 20.14 -48.15 -23.08
N ARG B 202 20.38 -47.11 -23.87
CA ARG B 202 20.86 -47.30 -25.22
C ARG B 202 22.18 -48.05 -25.20
N ALA B 203 22.91 -47.93 -24.09
CA ALA B 203 24.18 -48.60 -23.96
C ALA B 203 24.00 -49.93 -23.25
N GLY B 204 22.74 -50.28 -22.97
CA GLY B 204 22.43 -51.53 -22.31
C GLY B 204 22.87 -51.63 -20.86
N LEU B 205 23.40 -50.55 -20.31
CA LEU B 205 23.86 -50.55 -18.92
C LEU B 205 22.70 -50.53 -17.94
N LEU B 206 21.52 -50.21 -18.44
CA LEU B 206 20.30 -50.20 -17.62
C LEU B 206 19.27 -51.09 -18.29
N LYS B 207 18.81 -52.12 -17.57
CA LYS B 207 17.82 -53.06 -18.09
C LYS B 207 16.47 -52.41 -18.40
N THR B 208 16.04 -52.53 -19.66
CA THR B 208 14.77 -51.97 -20.09
C THR B 208 13.88 -53.07 -20.63
N THR B 209 12.58 -52.79 -20.71
CA THR B 209 11.62 -53.76 -21.17
C THR B 209 10.68 -53.25 -22.25
N SER B 210 10.77 -53.85 -23.44
CA SER B 210 9.91 -53.47 -24.55
C SER B 210 8.48 -53.27 -24.04
N GLY B 211 7.82 -52.24 -24.54
CA GLY B 211 6.46 -52.00 -24.10
C GLY B 211 6.37 -50.99 -22.97
N THR B 212 7.48 -50.67 -22.30
CA THR B 212 7.41 -49.69 -21.23
C THR B 212 7.91 -48.33 -21.72
N ALA B 213 7.53 -47.27 -21.00
CA ALA B 213 7.90 -45.90 -21.40
C ALA B 213 9.40 -45.57 -21.50
N LEU B 214 10.21 -46.04 -20.55
CA LEU B 214 11.64 -45.75 -20.65
C LEU B 214 12.17 -46.36 -21.96
N HIS B 215 11.86 -47.63 -22.16
CA HIS B 215 12.30 -48.36 -23.36
C HIS B 215 11.84 -47.71 -24.67
N GLU B 216 10.54 -47.50 -24.83
CA GLU B 216 10.04 -46.89 -26.07
C GLU B 216 10.63 -45.51 -26.36
N MET B 217 10.70 -44.63 -25.36
CA MET B 217 11.28 -43.30 -25.58
C MET B 217 12.77 -43.38 -25.96
N ALA B 218 13.49 -44.32 -25.35
CA ALA B 218 14.91 -44.49 -25.61
C ALA B 218 15.23 -45.06 -26.99
N PHE B 219 14.44 -46.03 -27.43
CA PHE B 219 14.69 -46.67 -28.73
C PHE B 219 13.74 -46.25 -29.84
N HIS B 220 13.09 -45.10 -29.65
CA HIS B 220 12.17 -44.60 -30.66
C HIS B 220 12.96 -44.02 -31.82
N THR B 221 12.50 -44.30 -33.04
CA THR B 221 13.15 -43.76 -34.22
C THR B 221 12.15 -42.84 -34.87
N GLN B 222 12.61 -41.66 -35.30
CA GLN B 222 11.76 -40.69 -35.95
C GLN B 222 11.54 -41.13 -37.39
N GLU B 223 10.84 -40.32 -38.17
CA GLU B 223 10.58 -40.65 -39.57
C GLU B 223 11.85 -41.04 -40.32
N ASP B 224 12.91 -40.24 -40.18
CA ASP B 224 14.17 -40.53 -40.88
C ASP B 224 14.88 -41.78 -40.37
N GLY B 225 14.29 -42.43 -39.38
CA GLY B 225 14.89 -43.65 -38.85
C GLY B 225 15.91 -43.45 -37.75
N SER B 226 16.30 -42.20 -37.51
CA SER B 226 17.27 -41.93 -36.47
C SER B 226 16.53 -41.78 -35.14
N GLN B 227 17.22 -42.07 -34.04
CA GLN B 227 16.59 -41.96 -32.74
C GLN B 227 16.77 -40.55 -32.16
N LEU B 228 15.81 -40.13 -31.35
CA LEU B 228 15.86 -38.80 -30.73
C LEU B 228 17.16 -38.59 -29.96
N ASP B 229 17.64 -37.35 -29.91
CA ASP B 229 18.85 -37.08 -29.14
C ASP B 229 18.41 -37.45 -27.72
N SER B 230 19.32 -37.99 -26.93
CA SER B 230 18.98 -38.44 -25.58
C SER B 230 18.30 -37.40 -24.70
N ARG B 231 18.58 -36.12 -24.94
CA ARG B 231 17.97 -35.06 -24.14
C ARG B 231 16.49 -34.94 -24.46
N MET B 232 16.17 -35.02 -25.74
CA MET B 232 14.79 -34.93 -26.19
C MET B 232 14.01 -36.13 -25.65
N ALA B 233 14.61 -37.31 -25.70
CA ALA B 233 13.92 -38.50 -25.23
C ALA B 233 13.67 -38.43 -23.73
N ALA B 234 14.58 -37.78 -23.01
CA ALA B 234 14.43 -37.63 -21.57
C ALA B 234 13.22 -36.70 -21.34
N ILE B 235 13.17 -35.65 -22.16
CA ILE B 235 12.12 -34.66 -22.09
C ILE B 235 10.77 -35.25 -22.44
N GLU B 236 10.74 -36.11 -23.46
CA GLU B 236 9.49 -36.74 -23.83
C GLU B 236 9.06 -37.80 -22.81
N LEU B 237 10.01 -38.38 -22.08
CA LEU B 237 9.67 -39.36 -21.04
C LEU B 237 9.08 -38.57 -19.87
N ILE B 238 9.58 -37.34 -19.67
CA ILE B 238 9.10 -36.48 -18.61
C ILE B 238 7.65 -36.08 -18.95
N ASN B 239 7.38 -35.90 -20.24
CA ASN B 239 6.05 -35.55 -20.69
C ASN B 239 5.06 -36.71 -20.47
N VAL B 240 5.55 -37.83 -19.95
CA VAL B 240 4.65 -38.95 -19.65
C VAL B 240 4.55 -39.04 -18.14
N LEU B 241 5.71 -38.94 -17.48
CA LEU B 241 5.81 -39.05 -16.04
C LEU B 241 5.21 -37.86 -15.27
N ARG B 242 5.49 -36.64 -15.74
CA ARG B 242 4.99 -35.44 -15.09
C ARG B 242 3.46 -35.39 -15.01
N PRO B 243 2.78 -35.42 -16.17
CA PRO B 243 1.30 -35.36 -16.17
C PRO B 243 0.63 -36.39 -15.26
N ILE B 244 1.23 -37.58 -15.15
CA ILE B 244 0.66 -38.62 -14.29
C ILE B 244 0.72 -38.16 -12.84
N VAL B 245 1.82 -37.54 -12.44
CA VAL B 245 1.94 -37.05 -11.08
C VAL B 245 0.95 -35.90 -10.92
N ALA B 246 0.72 -35.17 -12.01
CA ALA B 246 -0.19 -34.04 -12.02
C ALA B 246 -1.63 -34.47 -11.77
N ILE B 247 -1.91 -35.75 -11.93
CA ILE B 247 -3.26 -36.25 -11.73
C ILE B 247 -3.68 -35.97 -10.30
N SER B 248 -2.71 -35.65 -9.46
CA SER B 248 -2.96 -35.33 -8.06
C SER B 248 -4.03 -34.26 -7.90
N TYR B 249 -3.99 -33.21 -8.73
CA TYR B 249 -4.99 -32.14 -8.62
C TYR B 249 -6.41 -32.67 -8.78
N PHE B 250 -6.64 -33.48 -9.80
CA PHE B 250 -7.98 -34.02 -10.02
C PHE B 250 -8.43 -34.92 -8.88
N LEU B 251 -7.48 -35.63 -8.26
CA LEU B 251 -7.82 -36.52 -7.15
C LEU B 251 -8.31 -35.71 -5.95
N VAL B 252 -7.70 -34.55 -5.72
CA VAL B 252 -8.10 -33.67 -4.64
C VAL B 252 -9.49 -33.12 -4.97
N PHE B 253 -9.64 -32.54 -6.16
CA PHE B 253 -10.93 -32.00 -6.57
C PHE B 253 -12.05 -33.02 -6.48
N SER B 254 -11.76 -34.27 -6.78
CA SER B 254 -12.77 -35.31 -6.69
C SER B 254 -13.17 -35.51 -5.23
N ALA B 255 -12.20 -35.38 -4.34
CA ALA B 255 -12.47 -35.57 -2.92
C ALA B 255 -13.23 -34.35 -2.41
N LEU B 256 -12.93 -33.19 -2.96
CA LEU B 256 -13.60 -31.96 -2.57
C LEU B 256 -15.07 -32.14 -2.98
N ALA B 257 -15.28 -32.61 -4.20
CA ALA B 257 -16.61 -32.83 -4.73
C ALA B 257 -17.44 -33.76 -3.85
N LEU B 258 -16.88 -34.89 -3.48
CA LEU B 258 -17.58 -35.86 -2.64
C LEU B 258 -17.99 -35.22 -1.31
N HIS B 259 -17.14 -34.32 -0.81
CA HIS B 259 -17.40 -33.63 0.44
C HIS B 259 -18.44 -32.53 0.26
N GLU B 260 -18.23 -31.66 -0.72
CA GLU B 260 -19.14 -30.55 -1.01
C GLU B 260 -20.51 -31.01 -1.49
N HIS B 261 -20.61 -32.25 -1.95
CA HIS B 261 -21.89 -32.76 -2.45
C HIS B 261 -22.15 -34.16 -1.93
N PRO B 262 -22.34 -34.30 -0.61
CA PRO B 262 -22.60 -35.57 0.09
C PRO B 262 -23.60 -36.47 -0.64
N LYS B 263 -24.63 -35.85 -1.19
CA LYS B 263 -25.69 -36.56 -1.92
C LYS B 263 -25.16 -37.65 -2.85
N TYR B 264 -24.13 -37.35 -3.60
CA TYR B 264 -23.58 -38.32 -4.55
C TYR B 264 -22.85 -39.50 -3.91
N LYS B 265 -22.44 -39.35 -2.66
CA LYS B 265 -21.74 -40.41 -1.96
C LYS B 265 -22.48 -41.75 -1.99
N GLU B 266 -23.69 -41.78 -1.45
CA GLU B 266 -24.46 -43.02 -1.44
C GLU B 266 -24.81 -43.45 -2.86
N TRP B 267 -24.94 -42.46 -3.75
CA TRP B 267 -25.24 -42.71 -5.15
C TRP B 267 -24.16 -43.65 -5.69
N LEU B 268 -22.90 -43.29 -5.45
CA LEU B 268 -21.78 -44.11 -5.90
C LEU B 268 -21.77 -45.46 -5.20
N ARG B 269 -21.99 -45.47 -3.88
CA ARG B 269 -22.01 -46.71 -3.11
C ARG B 269 -22.97 -47.75 -3.65
N SER B 270 -24.18 -47.33 -4.02
CA SER B 270 -25.17 -48.25 -4.55
C SER B 270 -25.05 -48.28 -6.07
N GLY B 271 -24.25 -47.35 -6.59
CA GLY B 271 -24.06 -47.26 -8.02
C GLY B 271 -23.16 -48.34 -8.58
N ASN B 272 -22.80 -48.19 -9.84
CA ASN B 272 -21.94 -49.14 -10.54
C ASN B 272 -20.70 -48.42 -11.08
N SER B 273 -20.12 -48.95 -12.14
CA SER B 273 -18.94 -48.35 -12.74
C SER B 273 -19.37 -47.17 -13.62
N ARG B 274 -20.65 -47.09 -13.94
CA ARG B 274 -21.17 -45.99 -14.74
C ARG B 274 -21.25 -44.72 -13.89
N GLU B 275 -21.66 -44.88 -12.63
CA GLU B 275 -21.75 -43.75 -11.73
C GLU B 275 -20.37 -43.11 -11.57
N ARG B 276 -19.36 -43.96 -11.34
CA ARG B 276 -17.98 -43.50 -11.18
C ARG B 276 -17.57 -42.72 -12.42
N GLU B 277 -17.86 -43.31 -13.57
CA GLU B 277 -17.55 -42.70 -14.86
C GLU B 277 -18.23 -41.33 -14.95
N MET B 278 -19.51 -41.29 -14.59
CA MET B 278 -20.28 -40.05 -14.65
C MET B 278 -19.72 -38.99 -13.71
N PHE B 279 -19.31 -39.43 -12.52
CA PHE B 279 -18.75 -38.54 -11.51
C PHE B 279 -17.38 -37.99 -11.93
N VAL B 280 -16.49 -38.88 -12.34
CA VAL B 280 -15.15 -38.47 -12.77
C VAL B 280 -15.25 -37.46 -13.92
N GLN B 281 -16.11 -37.75 -14.90
CA GLN B 281 -16.29 -36.84 -16.02
C GLN B 281 -16.71 -35.46 -15.52
N GLU B 282 -17.61 -35.41 -14.54
CA GLU B 282 -18.06 -34.11 -14.04
C GLU B 282 -16.98 -33.39 -13.22
N VAL B 283 -16.05 -34.13 -12.62
CA VAL B 283 -14.97 -33.47 -11.87
C VAL B 283 -14.03 -32.84 -12.90
N ARG B 284 -13.90 -33.46 -14.06
CA ARG B 284 -13.03 -32.92 -15.09
C ARG B 284 -13.63 -31.70 -15.75
N ARG B 285 -14.95 -31.70 -15.92
CA ARG B 285 -15.63 -30.56 -16.55
C ARG B 285 -15.77 -29.37 -15.61
N TYR B 286 -16.23 -29.63 -14.40
CA TYR B 286 -16.48 -28.59 -13.39
C TYR B 286 -15.27 -27.81 -12.87
N TYR B 287 -14.26 -28.53 -12.39
CA TYR B 287 -13.08 -27.90 -11.82
C TYR B 287 -12.04 -27.41 -12.83
N PRO B 288 -11.33 -26.31 -12.50
CA PRO B 288 -10.31 -25.76 -13.38
C PRO B 288 -8.98 -26.51 -13.33
N PHE B 289 -8.33 -26.63 -14.48
CA PHE B 289 -7.02 -27.29 -14.56
C PHE B 289 -6.31 -26.73 -15.80
N GLY B 290 -6.68 -27.23 -16.98
CA GLY B 290 -6.09 -26.72 -18.20
C GLY B 290 -6.69 -25.34 -18.39
N PRO B 291 -5.87 -24.29 -18.54
CA PRO B 291 -6.45 -22.95 -18.72
C PRO B 291 -6.86 -22.67 -20.15
N PHE B 292 -5.85 -22.42 -20.98
CA PHE B 292 -6.07 -22.10 -22.39
C PHE B 292 -4.91 -22.60 -23.27
N LEU B 293 -5.21 -22.83 -24.54
CA LEU B 293 -4.23 -23.32 -25.48
C LEU B 293 -3.84 -22.26 -26.50
N GLY B 294 -2.55 -22.23 -26.84
CA GLY B 294 -2.05 -21.27 -27.80
C GLY B 294 -1.76 -21.89 -29.15
N ALA B 295 -1.89 -21.08 -30.20
CA ALA B 295 -1.65 -21.53 -31.56
C ALA B 295 -1.37 -20.36 -32.49
N LEU B 296 -0.80 -20.65 -33.66
CA LEU B 296 -0.52 -19.60 -34.62
C LEU B 296 -1.33 -19.86 -35.87
N VAL B 297 -1.88 -18.79 -36.45
CA VAL B 297 -2.68 -18.90 -37.66
C VAL B 297 -1.76 -19.36 -38.78
N LYS B 298 -1.99 -20.58 -39.27
CA LYS B 298 -1.17 -21.15 -40.34
C LYS B 298 -1.29 -20.32 -41.61
N LYS B 299 -2.49 -20.23 -42.17
CA LYS B 299 -2.75 -19.45 -43.39
C LYS B 299 -3.93 -18.51 -43.13
N ASP B 300 -4.12 -17.54 -44.03
CA ASP B 300 -5.21 -16.58 -43.88
C ASP B 300 -6.57 -17.21 -44.14
N PHE B 301 -7.54 -16.90 -43.29
CA PHE B 301 -8.88 -17.44 -43.45
C PHE B 301 -9.87 -16.60 -42.68
N VAL B 302 -11.15 -16.80 -42.97
CA VAL B 302 -12.21 -16.07 -42.28
C VAL B 302 -13.19 -17.05 -41.66
N TRP B 303 -13.55 -16.77 -40.40
CA TRP B 303 -14.48 -17.61 -39.66
C TRP B 303 -15.30 -16.74 -38.72
N ASN B 304 -16.57 -17.07 -38.58
CA ASN B 304 -17.46 -16.30 -37.71
C ASN B 304 -17.34 -14.83 -38.12
N ASN B 305 -17.29 -14.60 -39.42
CA ASN B 305 -17.16 -13.26 -39.97
C ASN B 305 -15.94 -12.52 -39.42
N CYS B 306 -14.86 -13.25 -39.16
CA CYS B 306 -13.63 -12.64 -38.66
C CYS B 306 -12.45 -13.00 -39.54
N GLU B 307 -11.55 -12.03 -39.70
CA GLU B 307 -10.36 -12.22 -40.52
C GLU B 307 -9.18 -12.68 -39.66
N PHE B 308 -8.72 -13.90 -39.92
CA PHE B 308 -7.59 -14.46 -39.18
C PHE B 308 -6.33 -14.30 -40.01
N LYS B 309 -5.53 -13.30 -39.69
CA LYS B 309 -4.29 -13.03 -40.41
C LYS B 309 -3.27 -14.13 -40.15
N LYS B 310 -2.59 -14.56 -41.21
CA LYS B 310 -1.56 -15.59 -41.11
C LYS B 310 -0.44 -15.12 -40.19
N GLY B 311 -0.17 -15.88 -39.13
CA GLY B 311 0.89 -15.52 -38.21
C GLY B 311 0.43 -14.91 -36.89
N THR B 312 -0.86 -14.60 -36.79
CA THR B 312 -1.38 -14.02 -35.56
C THR B 312 -1.63 -15.12 -34.52
N SER B 313 -1.44 -14.76 -33.26
CA SER B 313 -1.61 -15.68 -32.15
C SER B 313 -3.06 -15.77 -31.70
N VAL B 314 -3.48 -16.94 -31.22
CA VAL B 314 -4.83 -17.13 -30.71
C VAL B 314 -4.83 -18.05 -29.50
N LEU B 315 -5.85 -17.88 -28.65
CA LEU B 315 -6.00 -18.70 -27.46
C LEU B 315 -7.38 -19.34 -27.51
N LEU B 316 -7.50 -20.53 -26.94
CA LEU B 316 -8.80 -21.21 -26.88
C LEU B 316 -9.11 -21.40 -25.40
N ASP B 317 -10.26 -20.89 -24.98
CA ASP B 317 -10.67 -21.02 -23.58
C ASP B 317 -11.22 -22.43 -23.37
N LEU B 318 -10.55 -23.22 -22.54
CA LEU B 318 -11.00 -24.57 -22.24
C LEU B 318 -11.95 -24.48 -21.06
N TYR B 319 -11.60 -23.64 -20.08
CA TYR B 319 -12.44 -23.48 -18.92
C TYR B 319 -13.80 -22.94 -19.34
N GLY B 320 -13.79 -21.86 -20.11
CA GLY B 320 -15.03 -21.25 -20.57
C GLY B 320 -15.87 -22.24 -21.37
N THR B 321 -15.25 -22.88 -22.35
CA THR B 321 -15.94 -23.86 -23.17
C THR B 321 -16.62 -24.90 -22.28
N ASN B 322 -15.87 -25.47 -21.35
CA ASN B 322 -16.42 -26.47 -20.44
C ASN B 322 -17.51 -25.93 -19.52
N HIS B 323 -17.71 -24.62 -19.52
CA HIS B 323 -18.75 -24.01 -18.67
C HIS B 323 -19.72 -23.17 -19.50
N ASP B 324 -19.78 -23.46 -20.79
CA ASP B 324 -20.65 -22.78 -21.74
C ASP B 324 -22.11 -23.21 -21.53
N PRO B 325 -22.99 -22.26 -21.14
CA PRO B 325 -24.42 -22.56 -20.93
C PRO B 325 -25.09 -23.05 -22.22
N ARG B 326 -24.45 -22.76 -23.35
CA ARG B 326 -24.98 -23.19 -24.63
C ARG B 326 -24.72 -24.69 -24.81
N LEU B 327 -23.70 -25.19 -24.13
CA LEU B 327 -23.35 -26.59 -24.24
C LEU B 327 -23.72 -27.39 -23.00
N TRP B 328 -23.87 -26.72 -21.87
CA TRP B 328 -24.20 -27.41 -20.63
C TRP B 328 -25.25 -26.68 -19.81
N ASP B 329 -26.27 -27.41 -19.37
CA ASP B 329 -27.34 -26.84 -18.56
C ASP B 329 -26.79 -26.56 -17.16
N HIS B 330 -27.08 -25.40 -16.61
CA HIS B 330 -26.56 -25.02 -15.31
C HIS B 330 -25.05 -25.33 -15.30
N PRO B 331 -24.28 -24.66 -16.17
CA PRO B 331 -22.84 -24.84 -16.31
C PRO B 331 -22.07 -24.80 -14.98
N ASP B 332 -22.43 -23.87 -14.11
CA ASP B 332 -21.75 -23.74 -12.83
C ASP B 332 -22.30 -24.68 -11.77
N GLU B 333 -22.93 -25.77 -12.22
CA GLU B 333 -23.49 -26.78 -11.34
C GLU B 333 -22.75 -28.10 -11.43
N PHE B 334 -22.40 -28.68 -10.28
CA PHE B 334 -21.72 -29.97 -10.27
C PHE B 334 -22.77 -31.07 -10.30
N ARG B 335 -23.09 -31.56 -11.50
CA ARG B 335 -24.10 -32.59 -11.62
C ARG B 335 -23.68 -33.75 -12.52
N PRO B 336 -23.09 -34.81 -11.94
CA PRO B 336 -22.63 -35.99 -12.66
C PRO B 336 -23.71 -36.56 -13.58
N GLU B 337 -24.96 -36.50 -13.13
CA GLU B 337 -26.06 -37.05 -13.91
C GLU B 337 -26.19 -36.48 -15.32
N ARG B 338 -25.56 -35.33 -15.59
CA ARG B 338 -25.65 -34.75 -16.93
C ARG B 338 -24.96 -35.68 -17.94
N PHE B 339 -24.09 -36.55 -17.44
CA PHE B 339 -23.37 -37.49 -18.31
C PHE B 339 -24.09 -38.81 -18.48
N ALA B 340 -25.34 -38.88 -18.02
CA ALA B 340 -26.13 -40.09 -18.16
C ALA B 340 -26.70 -40.08 -19.57
N GLU B 341 -26.33 -41.06 -20.37
CA GLU B 341 -26.81 -41.14 -21.75
C GLU B 341 -26.63 -39.82 -22.48
N ARG B 342 -25.42 -39.26 -22.45
CA ARG B 342 -25.15 -38.01 -23.15
C ARG B 342 -24.34 -38.33 -24.41
N GLU B 343 -24.85 -37.91 -25.56
CA GLU B 343 -24.15 -38.17 -26.82
C GLU B 343 -22.77 -37.55 -26.74
N GLU B 344 -21.76 -38.40 -26.70
CA GLU B 344 -20.38 -37.94 -26.60
C GLU B 344 -20.05 -37.00 -27.77
N ASN B 345 -19.19 -36.02 -27.50
CA ASN B 345 -18.78 -35.05 -28.50
C ASN B 345 -17.30 -34.73 -28.28
N LEU B 346 -16.59 -34.40 -29.35
CA LEU B 346 -15.15 -34.12 -29.26
C LEU B 346 -14.77 -32.65 -29.07
N PHE B 347 -15.77 -31.78 -28.94
CA PHE B 347 -15.48 -30.35 -28.82
C PHE B 347 -16.27 -29.56 -27.78
N ASP B 348 -17.19 -30.20 -27.05
CA ASP B 348 -17.97 -29.48 -26.04
C ASP B 348 -17.47 -29.79 -24.64
N MET B 349 -16.66 -30.84 -24.56
CA MET B 349 -16.08 -31.32 -23.31
C MET B 349 -14.58 -31.38 -23.64
N ILE B 350 -13.82 -30.37 -23.27
CA ILE B 350 -12.39 -30.34 -23.59
C ILE B 350 -11.39 -29.97 -22.49
N PRO B 351 -11.55 -30.53 -21.27
CA PRO B 351 -10.60 -30.20 -20.20
C PRO B 351 -9.17 -30.66 -20.52
N GLN B 352 -9.05 -31.62 -21.42
CA GLN B 352 -7.75 -32.14 -21.83
C GLN B 352 -7.63 -32.04 -23.35
N GLY B 353 -8.20 -30.97 -23.89
CA GLY B 353 -8.16 -30.72 -25.32
C GLY B 353 -9.31 -31.36 -26.07
N GLY B 354 -9.51 -30.94 -27.31
CA GLY B 354 -10.58 -31.49 -28.11
C GLY B 354 -10.08 -32.12 -29.39
N GLY B 355 -11.00 -32.54 -30.25
CA GLY B 355 -10.62 -33.14 -31.52
C GLY B 355 -10.16 -34.58 -31.35
N HIS B 356 -9.27 -35.01 -32.24
CA HIS B 356 -8.71 -36.36 -32.23
C HIS B 356 -7.25 -36.32 -31.80
N ALA B 357 -6.91 -37.09 -30.77
CA ALA B 357 -5.53 -37.15 -30.29
C ALA B 357 -4.61 -37.68 -31.40
N GLU B 358 -5.20 -38.34 -32.39
CA GLU B 358 -4.44 -38.89 -33.51
C GLU B 358 -4.18 -37.86 -34.60
N LYS B 359 -5.01 -36.82 -34.64
CA LYS B 359 -4.86 -35.78 -35.66
C LYS B 359 -4.62 -34.41 -35.05
N GLY B 360 -4.35 -34.38 -33.75
CA GLY B 360 -4.10 -33.11 -33.09
C GLY B 360 -3.28 -33.26 -31.84
N HIS B 361 -3.21 -32.18 -31.07
CA HIS B 361 -2.42 -32.20 -29.84
C HIS B 361 -3.20 -32.61 -28.59
N ARG B 362 -4.42 -33.09 -28.80
CA ARG B 362 -5.26 -33.54 -27.70
C ARG B 362 -4.50 -34.49 -26.79
N CYS B 363 -4.68 -34.30 -25.49
CA CYS B 363 -4.04 -35.13 -24.48
C CYS B 363 -4.17 -36.63 -24.75
N PRO B 364 -3.06 -37.31 -24.98
CA PRO B 364 -3.14 -38.74 -25.23
C PRO B 364 -3.34 -39.54 -23.93
N GLY B 365 -3.18 -38.87 -22.79
CA GLY B 365 -3.31 -39.54 -21.51
C GLY B 365 -4.65 -39.39 -20.82
N GLU B 366 -5.66 -38.97 -21.56
CA GLU B 366 -6.99 -38.78 -21.01
C GLU B 366 -7.55 -40.10 -20.46
N GLY B 367 -7.40 -41.18 -21.22
CA GLY B 367 -7.87 -42.48 -20.77
C GLY B 367 -7.19 -42.86 -19.46
N ILE B 368 -5.89 -42.59 -19.34
CA ILE B 368 -5.16 -42.90 -18.12
C ILE B 368 -5.70 -42.09 -16.97
N THR B 369 -6.00 -40.81 -17.25
CA THR B 369 -6.52 -39.89 -16.25
C THR B 369 -7.87 -40.34 -15.68
N ILE B 370 -8.78 -40.72 -16.58
CA ILE B 370 -10.11 -41.17 -16.20
C ILE B 370 -10.03 -42.44 -15.35
N GLU B 371 -9.27 -43.41 -15.81
CA GLU B 371 -9.15 -44.69 -15.09
C GLU B 371 -8.49 -44.54 -13.73
N VAL B 372 -7.50 -43.67 -13.62
CA VAL B 372 -6.84 -43.49 -12.33
C VAL B 372 -7.78 -42.73 -11.39
N MET B 373 -8.56 -41.81 -11.96
CA MET B 373 -9.52 -41.07 -11.14
C MET B 373 -10.65 -41.98 -10.68
N LYS B 374 -11.07 -42.89 -11.55
CA LYS B 374 -12.14 -43.80 -11.18
C LYS B 374 -11.71 -44.77 -10.09
N ALA B 375 -10.49 -45.29 -10.20
CA ALA B 375 -10.00 -46.23 -9.20
C ALA B 375 -9.77 -45.53 -7.89
N SER B 376 -9.31 -44.28 -7.94
CA SER B 376 -9.06 -43.52 -6.73
C SER B 376 -10.38 -43.09 -6.08
N LEU B 377 -11.41 -42.88 -6.90
CA LEU B 377 -12.72 -42.50 -6.37
C LEU B 377 -13.31 -43.73 -5.70
N ASP B 378 -13.18 -44.87 -6.39
CA ASP B 378 -13.69 -46.13 -5.89
C ASP B 378 -13.09 -46.43 -4.52
N PHE B 379 -11.87 -45.96 -4.31
CA PHE B 379 -11.16 -46.16 -3.05
C PHE B 379 -11.78 -45.35 -1.92
N LEU B 380 -11.95 -44.05 -2.15
CA LEU B 380 -12.50 -43.15 -1.14
C LEU B 380 -13.96 -43.46 -0.76
N VAL B 381 -14.65 -44.22 -1.61
CA VAL B 381 -16.04 -44.54 -1.38
C VAL B 381 -16.29 -45.87 -0.66
N HIS B 382 -15.69 -46.95 -1.15
CA HIS B 382 -15.88 -48.26 -0.55
C HIS B 382 -14.78 -48.73 0.37
N GLN B 383 -13.54 -48.34 0.08
CA GLN B 383 -12.39 -48.77 0.86
C GLN B 383 -12.22 -48.19 2.26
N ILE B 384 -12.52 -46.91 2.44
CA ILE B 384 -12.33 -46.29 3.74
C ILE B 384 -13.40 -45.31 4.17
N GLU B 385 -13.41 -45.01 5.47
CA GLU B 385 -14.31 -44.04 6.08
C GLU B 385 -13.34 -43.02 6.64
N TYR B 386 -13.75 -41.76 6.69
CA TYR B 386 -12.86 -40.74 7.20
C TYR B 386 -13.56 -39.42 7.44
N ASP B 387 -12.97 -38.62 8.31
CA ASP B 387 -13.52 -37.30 8.65
C ASP B 387 -12.76 -36.24 7.86
N VAL B 388 -13.35 -35.06 7.77
CA VAL B 388 -12.74 -33.94 7.09
C VAL B 388 -12.81 -32.75 8.06
N PRO B 389 -11.77 -32.61 8.90
CA PRO B 389 -11.67 -31.54 9.90
C PRO B 389 -11.78 -30.14 9.33
N GLU B 390 -11.93 -29.17 10.23
CA GLU B 390 -12.04 -27.76 9.86
C GLU B 390 -10.75 -27.39 9.13
N GLN B 391 -10.89 -26.91 7.90
CA GLN B 391 -9.73 -26.54 7.10
C GLN B 391 -10.17 -25.62 5.95
N SER B 392 -9.20 -24.99 5.30
CA SER B 392 -9.50 -24.12 4.18
C SER B 392 -9.50 -24.92 2.87
N LEU B 393 -10.69 -25.13 2.33
CA LEU B 393 -10.86 -25.87 1.09
C LEU B 393 -11.06 -24.93 -0.09
N HIS B 394 -10.88 -23.64 0.17
CA HIS B 394 -11.04 -22.63 -0.87
C HIS B 394 -10.02 -22.80 -1.99
N TYR B 395 -10.49 -22.82 -3.24
CA TYR B 395 -9.59 -22.90 -4.37
C TYR B 395 -9.79 -21.65 -5.19
N SER B 396 -8.69 -21.00 -5.57
CA SER B 396 -8.74 -19.78 -6.34
C SER B 396 -8.79 -19.97 -7.84
N LEU B 397 -9.72 -19.26 -8.47
CA LEU B 397 -9.88 -19.32 -9.93
C LEU B 397 -8.87 -18.41 -10.59
N ALA B 398 -8.22 -17.58 -9.79
CA ALA B 398 -7.22 -16.65 -10.28
C ALA B 398 -5.83 -17.29 -10.22
N ARG B 399 -5.76 -18.51 -9.71
CA ARG B 399 -4.48 -19.23 -9.60
C ARG B 399 -4.41 -20.39 -10.57
N MET B 400 -3.35 -20.46 -11.36
CA MET B 400 -3.17 -21.54 -12.32
C MET B 400 -1.83 -22.24 -12.11
N PRO B 401 -1.85 -23.54 -11.78
CA PRO B 401 -3.07 -24.32 -11.62
C PRO B 401 -3.75 -23.92 -10.30
N SER B 402 -4.91 -24.51 -10.04
CA SER B 402 -5.67 -24.21 -8.83
C SER B 402 -5.80 -25.44 -7.94
N LEU B 403 -5.98 -25.23 -6.65
CA LEU B 403 -6.13 -26.36 -5.74
C LEU B 403 -6.56 -25.92 -4.36
N PRO B 404 -7.47 -26.69 -3.73
CA PRO B 404 -7.96 -26.35 -2.38
C PRO B 404 -6.73 -26.11 -1.50
N GLU B 405 -6.67 -24.94 -0.88
CA GLU B 405 -5.56 -24.54 -0.03
C GLU B 405 -4.96 -25.58 0.92
N SER B 406 -5.81 -26.29 1.65
CA SER B 406 -5.35 -27.30 2.60
C SER B 406 -4.72 -28.51 1.89
N GLY B 407 -5.12 -28.74 0.64
CA GLY B 407 -4.59 -29.88 -0.08
C GLY B 407 -5.47 -31.07 0.28
N PHE B 408 -6.49 -30.77 1.08
CA PHE B 408 -7.50 -31.73 1.56
C PHE B 408 -6.97 -32.61 2.69
N VAL B 409 -7.21 -32.18 3.92
CA VAL B 409 -6.76 -32.90 5.11
C VAL B 409 -7.81 -33.90 5.60
N MET B 410 -7.41 -35.16 5.76
CA MET B 410 -8.31 -36.21 6.23
C MET B 410 -7.84 -36.69 7.60
N SER B 411 -8.80 -37.06 8.47
CA SER B 411 -8.48 -37.54 9.81
C SER B 411 -9.39 -38.69 10.22
N GLY B 412 -9.08 -39.31 11.36
CA GLY B 412 -9.88 -40.42 11.84
C GLY B 412 -10.08 -41.49 10.80
N ILE B 413 -9.11 -41.65 9.92
CA ILE B 413 -9.17 -42.64 8.86
C ILE B 413 -9.30 -44.05 9.40
N ARG B 414 -10.10 -44.88 8.72
CA ARG B 414 -10.29 -46.25 9.17
C ARG B 414 -10.79 -47.12 8.03
N ARG B 415 -10.30 -48.35 7.99
CA ARG B 415 -10.71 -49.30 6.98
C ARG B 415 -12.22 -49.57 7.14
N LYS B 416 -12.91 -49.86 6.04
CA LYS B 416 -14.33 -50.15 6.07
C LYS B 416 -14.61 -51.57 6.53
N PRO C 6 -17.92 31.24 -27.93
CA PRO C 6 -18.66 31.47 -26.66
C PRO C 6 -18.65 32.96 -26.38
N HIS C 7 -19.82 33.55 -26.21
CA HIS C 7 -19.92 34.97 -25.94
C HIS C 7 -20.84 35.30 -24.78
N ASP C 8 -20.27 35.85 -23.72
CA ASP C 8 -21.01 36.22 -22.51
C ASP C 8 -22.21 37.07 -22.90
N LYS C 9 -23.34 36.86 -22.25
CA LYS C 9 -24.54 37.63 -22.56
C LYS C 9 -24.79 38.73 -21.53
N SER C 10 -23.74 39.45 -21.16
CA SER C 10 -23.84 40.53 -20.19
C SER C 10 -22.84 41.66 -20.48
N LEU C 11 -23.32 42.89 -20.47
CA LEU C 11 -22.49 44.06 -20.76
C LEU C 11 -21.83 44.61 -19.49
N ASP C 12 -22.37 44.23 -18.33
CA ASP C 12 -21.86 44.68 -17.04
C ASP C 12 -20.63 43.88 -16.59
N ASN C 13 -20.10 43.05 -17.47
CA ASN C 13 -18.95 42.22 -17.15
C ASN C 13 -17.88 42.94 -16.34
N SER C 14 -17.71 44.24 -16.56
CA SER C 14 -16.72 45.01 -15.81
C SER C 14 -16.99 44.91 -14.31
N LEU C 15 -18.24 45.16 -13.91
CA LEU C 15 -18.59 45.08 -12.50
C LEU C 15 -18.37 43.66 -11.99
N THR C 16 -18.97 42.69 -12.67
CA THR C 16 -18.85 41.29 -12.27
C THR C 16 -17.40 40.85 -12.22
N LEU C 17 -16.59 41.38 -13.13
CA LEU C 17 -15.16 41.08 -13.20
C LEU C 17 -14.51 41.55 -11.90
N LEU C 18 -15.01 42.67 -11.38
CA LEU C 18 -14.48 43.25 -10.16
C LEU C 18 -14.90 42.44 -8.94
N LYS C 19 -16.10 41.87 -8.99
CA LYS C 19 -16.59 41.08 -7.86
C LYS C 19 -15.93 39.71 -7.82
N GLU C 20 -15.42 39.25 -8.95
CA GLU C 20 -14.78 37.94 -9.03
C GLU C 20 -13.25 37.95 -9.01
N GLY C 21 -12.66 39.02 -9.52
CA GLY C 21 -11.20 39.14 -9.54
C GLY C 21 -10.40 38.07 -10.26
N TYR C 22 -9.52 37.40 -9.51
CA TYR C 22 -8.66 36.36 -10.08
C TYR C 22 -9.43 35.17 -10.67
N LEU C 23 -10.67 34.97 -10.22
CA LEU C 23 -11.49 33.86 -10.69
C LEU C 23 -12.34 34.15 -11.93
N PHE C 24 -12.58 35.42 -12.21
CA PHE C 24 -13.42 35.81 -13.35
C PHE C 24 -13.20 35.04 -14.64
N ILE C 25 -11.95 34.96 -15.09
CA ILE C 25 -11.64 34.24 -16.31
C ILE C 25 -11.88 32.75 -16.09
N LYS C 26 -11.23 32.22 -15.06
CA LYS C 26 -11.36 30.81 -14.70
C LYS C 26 -12.79 30.33 -14.53
N ASN C 27 -13.56 30.95 -13.65
CA ASN C 27 -14.94 30.53 -13.43
C ASN C 27 -15.67 30.26 -14.75
N ARG C 28 -15.36 31.06 -15.76
CA ARG C 28 -15.99 30.93 -17.07
C ARG C 28 -15.29 29.97 -18.04
N THR C 29 -13.96 29.92 -18.01
CA THR C 29 -13.25 29.02 -18.90
C THR C 29 -13.67 27.60 -18.57
N GLU C 30 -14.12 27.41 -17.33
CA GLU C 30 -14.56 26.11 -16.86
C GLU C 30 -16.08 25.99 -17.01
N ARG C 31 -16.75 27.13 -17.08
CA ARG C 31 -18.22 27.16 -17.23
C ARG C 31 -18.57 26.94 -18.71
N TYR C 32 -17.84 27.61 -19.60
CA TYR C 32 -18.05 27.46 -21.03
C TYR C 32 -17.20 26.28 -21.50
N ASN C 33 -16.54 25.65 -20.54
CA ASN C 33 -15.69 24.50 -20.84
C ASN C 33 -14.80 24.79 -22.04
N SER C 34 -14.30 26.01 -22.12
CA SER C 34 -13.43 26.43 -23.22
C SER C 34 -12.25 27.25 -22.69
N ASP C 35 -11.21 27.38 -23.50
CA ASP C 35 -10.02 28.14 -23.13
C ASP C 35 -10.14 29.61 -23.50
N LEU C 36 -11.28 30.02 -24.03
CA LEU C 36 -11.48 31.41 -24.42
C LEU C 36 -12.96 31.75 -24.62
N PHE C 37 -13.32 33.00 -24.34
CA PHE C 37 -14.70 33.44 -24.49
C PHE C 37 -14.76 34.93 -24.79
N GLN C 38 -15.93 35.40 -25.22
CA GLN C 38 -16.11 36.81 -25.53
C GLN C 38 -16.75 37.48 -24.31
N ALA C 39 -16.41 38.74 -24.09
CA ALA C 39 -16.95 39.49 -22.97
C ALA C 39 -16.75 40.99 -23.15
N ARG C 40 -17.69 41.76 -22.61
CA ARG C 40 -17.62 43.23 -22.70
C ARG C 40 -16.88 43.76 -21.47
N LEU C 41 -15.63 44.14 -21.65
CA LEU C 41 -14.84 44.66 -20.55
C LEU C 41 -14.28 46.04 -20.86
N LEU C 42 -14.39 46.95 -19.89
CA LEU C 42 -13.89 48.31 -20.03
C LEU C 42 -14.41 48.99 -21.29
N GLY C 43 -15.73 49.00 -21.44
CA GLY C 43 -16.34 49.61 -22.61
C GLY C 43 -15.71 49.23 -23.93
N LYS C 44 -15.12 48.02 -24.00
CA LYS C 44 -14.46 47.55 -25.21
C LYS C 44 -14.71 46.07 -25.45
N ASN C 45 -14.75 45.68 -26.72
CA ASN C 45 -14.95 44.27 -27.06
C ASN C 45 -13.70 43.56 -26.55
N PHE C 46 -13.88 42.47 -25.82
CA PHE C 46 -12.75 41.73 -25.27
C PHE C 46 -12.79 40.22 -25.48
N ILE C 47 -11.60 39.62 -25.52
CA ILE C 47 -11.44 38.18 -25.68
C ILE C 47 -10.53 37.70 -24.54
N CYS C 48 -11.06 36.80 -23.71
CA CYS C 48 -10.32 36.26 -22.59
C CYS C 48 -9.86 34.83 -22.87
N MET C 49 -8.57 34.58 -22.69
CA MET C 49 -8.00 33.27 -22.91
C MET C 49 -7.12 32.81 -21.76
N THR C 50 -7.08 31.49 -21.56
CA THR C 50 -6.30 30.89 -20.49
C THR C 50 -5.51 29.72 -21.05
N GLY C 51 -4.73 29.07 -20.18
CA GLY C 51 -3.95 27.93 -20.59
C GLY C 51 -2.62 28.33 -21.21
N ALA C 52 -1.64 27.45 -21.06
CA ALA C 52 -0.29 27.67 -21.57
C ALA C 52 -0.27 27.94 -23.08
N GLU C 53 -1.13 27.23 -23.82
CA GLU C 53 -1.19 27.39 -25.28
C GLU C 53 -1.59 28.81 -25.62
N ALA C 54 -2.62 29.32 -24.95
CA ALA C 54 -3.09 30.68 -25.17
C ALA C 54 -1.96 31.66 -24.84
N ALA C 55 -1.18 31.34 -23.82
CA ALA C 55 -0.07 32.20 -23.40
C ALA C 55 0.94 32.38 -24.53
N LYS C 56 1.26 31.29 -25.22
CA LYS C 56 2.22 31.35 -26.32
C LYS C 56 1.82 32.37 -27.39
N VAL C 57 0.57 32.30 -27.84
CA VAL C 57 0.13 33.23 -28.87
C VAL C 57 0.08 34.65 -28.32
N PHE C 58 -0.33 34.78 -27.06
CA PHE C 58 -0.41 36.07 -26.39
C PHE C 58 0.92 36.80 -26.49
N TYR C 59 1.99 36.05 -26.33
CA TYR C 59 3.34 36.59 -26.40
C TYR C 59 3.97 36.55 -27.77
N ASP C 60 3.16 36.75 -28.81
CA ASP C 60 3.65 36.75 -30.17
C ASP C 60 3.68 38.18 -30.72
N THR C 61 4.87 38.77 -30.74
CA THR C 61 5.09 40.15 -31.20
C THR C 61 4.31 40.61 -32.42
N ASP C 62 4.33 39.85 -33.49
CA ASP C 62 3.63 40.24 -34.71
C ASP C 62 2.14 39.91 -34.69
N ARG C 63 1.68 39.34 -33.58
CA ARG C 63 0.28 38.99 -33.42
C ARG C 63 -0.38 39.96 -32.43
N PHE C 64 0.32 40.26 -31.35
CA PHE C 64 -0.20 41.14 -30.32
C PHE C 64 0.73 42.31 -30.02
N GLN C 65 0.14 43.41 -29.56
CA GLN C 65 0.90 44.60 -29.22
C GLN C 65 0.50 45.05 -27.81
N ARG C 66 1.24 45.98 -27.23
CA ARG C 66 0.92 46.49 -25.91
C ARG C 66 0.56 47.96 -26.00
N GLN C 67 0.82 48.57 -27.16
CA GLN C 67 0.52 49.98 -27.39
C GLN C 67 -1.00 50.17 -27.37
N ASN C 68 -1.48 51.01 -26.46
CA ASN C 68 -2.90 51.30 -26.31
C ASN C 68 -3.72 50.16 -25.71
N ALA C 69 -3.03 49.20 -25.12
CA ALA C 69 -3.70 48.06 -24.51
C ALA C 69 -3.76 48.22 -22.98
N LEU C 70 -3.22 49.32 -22.48
CA LEU C 70 -3.22 49.59 -21.04
C LEU C 70 -4.23 50.67 -20.65
N PRO C 71 -5.23 50.29 -19.84
CA PRO C 71 -6.22 51.28 -19.42
C PRO C 71 -5.46 52.44 -18.78
N LYS C 72 -5.86 53.67 -19.05
CA LYS C 72 -5.18 54.83 -18.50
C LYS C 72 -5.14 54.81 -16.97
N ARG C 73 -6.27 54.43 -16.37
CA ARG C 73 -6.37 54.36 -14.92
C ARG C 73 -5.30 53.44 -14.34
N VAL C 74 -4.86 52.49 -15.14
CA VAL C 74 -3.83 51.56 -14.73
C VAL C 74 -2.49 52.28 -14.77
N GLN C 75 -2.32 53.12 -15.78
CA GLN C 75 -1.09 53.89 -15.94
C GLN C 75 -0.95 54.96 -14.87
N LYS C 76 -2.02 55.74 -14.69
CA LYS C 76 -2.03 56.81 -13.70
C LYS C 76 -1.96 56.33 -12.25
N SER C 77 -1.68 55.05 -12.06
CA SER C 77 -1.60 54.50 -10.73
C SER C 77 -0.43 53.53 -10.54
N LEU C 78 -0.50 52.39 -11.21
CA LEU C 78 0.53 51.37 -11.09
C LEU C 78 1.85 51.61 -11.81
N PHE C 79 1.83 51.59 -13.14
CA PHE C 79 3.04 51.72 -13.96
C PHE C 79 3.55 53.10 -14.37
N GLY C 80 2.70 54.11 -14.38
CA GLY C 80 3.13 55.42 -14.83
C GLY C 80 2.75 55.56 -16.29
N VAL C 81 2.66 56.79 -16.78
CA VAL C 81 2.28 57.04 -18.18
C VAL C 81 3.39 56.88 -19.22
N ASN C 82 3.04 56.22 -20.32
CA ASN C 82 3.97 55.98 -21.43
C ASN C 82 5.31 55.33 -21.10
N ALA C 83 5.29 54.35 -20.20
CA ALA C 83 6.52 53.66 -19.81
C ALA C 83 6.66 52.35 -20.57
N ILE C 84 7.71 51.61 -20.25
CA ILE C 84 7.99 50.32 -20.89
C ILE C 84 6.82 49.33 -20.97
N GLN C 85 5.81 49.49 -20.12
CA GLN C 85 4.66 48.57 -20.14
C GLN C 85 3.81 48.66 -21.42
N GLY C 86 3.87 49.80 -22.09
CA GLY C 86 3.08 49.98 -23.30
C GLY C 86 3.89 50.21 -24.56
N MET C 87 5.15 49.80 -24.55
CA MET C 87 6.02 49.96 -25.72
C MET C 87 6.15 48.69 -26.58
N ASP C 88 6.51 48.87 -27.84
CA ASP C 88 6.68 47.76 -28.78
C ASP C 88 7.83 47.99 -29.75
N GLY C 89 8.34 46.90 -30.32
CA GLY C 89 9.44 46.99 -31.27
C GLY C 89 10.81 47.00 -30.62
N SER C 90 11.80 47.53 -31.33
CA SER C 90 13.16 47.63 -30.81
C SER C 90 13.26 48.74 -29.78
N ALA C 91 12.30 49.66 -29.81
CA ALA C 91 12.25 50.75 -28.84
C ALA C 91 12.05 50.11 -27.48
N HIS C 92 11.05 49.24 -27.40
CA HIS C 92 10.76 48.53 -26.17
C HIS C 92 11.94 47.62 -25.82
N ILE C 93 12.47 46.94 -26.81
CA ILE C 93 13.61 46.06 -26.59
C ILE C 93 14.78 46.85 -26.04
N HIS C 94 14.95 48.08 -26.55
CA HIS C 94 16.03 48.95 -26.12
C HIS C 94 15.84 49.38 -24.67
N ARG C 95 14.61 49.73 -24.32
CA ARG C 95 14.29 50.14 -22.96
C ARG C 95 14.45 48.91 -22.06
N LYS C 96 13.89 47.79 -22.51
CA LYS C 96 13.94 46.55 -21.75
C LYS C 96 15.38 46.11 -21.41
N MET C 97 16.33 46.38 -22.31
CA MET C 97 17.71 45.98 -22.04
C MET C 97 18.29 46.81 -20.89
N LEU C 98 17.75 48.02 -20.71
CA LEU C 98 18.21 48.88 -19.64
C LEU C 98 17.82 48.26 -18.31
N PHE C 99 16.61 47.70 -18.28
CA PHE C 99 16.10 47.06 -17.08
C PHE C 99 16.83 45.78 -16.72
N LEU C 100 16.89 44.85 -17.67
CA LEU C 100 17.56 43.57 -17.43
C LEU C 100 19.01 43.73 -17.00
N SER C 101 19.70 44.73 -17.55
CA SER C 101 21.09 44.96 -17.18
C SER C 101 21.22 45.30 -15.70
N LEU C 102 20.09 45.63 -15.08
CA LEU C 102 20.07 45.99 -13.65
C LEU C 102 19.52 44.84 -12.80
N MET C 103 19.10 43.76 -13.45
CA MET C 103 18.51 42.63 -12.73
C MET C 103 19.21 41.31 -12.98
N THR C 104 20.50 41.38 -13.33
CA THR C 104 21.32 40.20 -13.57
C THR C 104 21.60 39.52 -12.24
N PRO C 105 22.10 38.27 -12.25
CA PRO C 105 22.40 37.56 -11.01
C PRO C 105 23.28 38.38 -10.06
N PRO C 106 24.29 39.08 -10.58
CA PRO C 106 25.13 39.88 -9.68
C PRO C 106 24.27 40.87 -8.88
N HIS C 107 23.27 41.43 -9.54
CA HIS C 107 22.37 42.38 -8.89
C HIS C 107 21.39 41.65 -7.96
N GLN C 108 20.97 40.46 -8.36
CA GLN C 108 20.04 39.64 -7.58
C GLN C 108 20.64 39.26 -6.24
N LYS C 109 21.92 38.91 -6.24
CA LYS C 109 22.60 38.52 -5.01
C LYS C 109 22.82 39.68 -4.06
N ARG C 110 23.31 40.80 -4.58
CA ARG C 110 23.56 41.98 -3.74
C ARG C 110 22.28 42.35 -2.98
N LEU C 111 21.15 42.39 -3.69
CA LEU C 111 19.87 42.71 -3.07
C LEU C 111 19.50 41.69 -2.01
N ALA C 112 19.80 40.42 -2.29
CA ALA C 112 19.50 39.35 -1.35
C ALA C 112 20.40 39.46 -0.13
N GLU C 113 21.67 39.78 -0.36
CA GLU C 113 22.64 39.92 0.72
C GLU C 113 22.22 41.06 1.64
N LEU C 114 21.77 42.17 1.05
CA LEU C 114 21.33 43.34 1.79
C LEU C 114 20.07 43.00 2.59
N MET C 115 19.19 42.21 1.98
CA MET C 115 17.97 41.81 2.68
C MET C 115 18.37 40.94 3.85
N THR C 116 19.35 40.08 3.63
CA THR C 116 19.81 39.19 4.68
C THR C 116 20.28 39.98 5.91
N GLU C 117 21.13 40.97 5.70
CA GLU C 117 21.61 41.78 6.83
C GLU C 117 20.49 42.56 7.49
N GLU C 118 19.55 43.07 6.71
CA GLU C 118 18.43 43.83 7.26
C GLU C 118 17.60 42.93 8.18
N TRP C 119 17.23 41.75 7.68
CA TRP C 119 16.45 40.81 8.46
C TRP C 119 17.19 40.45 9.76
N LYS C 120 18.50 40.24 9.67
CA LYS C 120 19.29 39.90 10.84
C LYS C 120 19.27 41.03 11.87
N ALA C 121 19.62 42.23 11.40
CA ALA C 121 19.66 43.39 12.28
C ALA C 121 18.34 43.60 13.01
N ALA C 122 17.24 43.26 12.34
CA ALA C 122 15.91 43.43 12.92
C ALA C 122 15.64 42.46 14.06
N VAL C 123 16.48 41.45 14.21
CA VAL C 123 16.26 40.47 15.28
C VAL C 123 16.38 41.13 16.65
N THR C 124 17.30 42.08 16.77
CA THR C 124 17.51 42.78 18.03
C THR C 124 16.25 43.53 18.46
N ARG C 125 15.72 44.36 17.56
CA ARG C 125 14.52 45.13 17.85
C ARG C 125 13.25 44.29 17.94
N TRP C 126 13.19 43.21 17.16
CA TRP C 126 12.00 42.33 17.15
C TRP C 126 11.81 41.54 18.45
N GLU C 127 12.90 41.03 19.02
CA GLU C 127 12.80 40.29 20.27
C GLU C 127 12.26 41.16 21.39
N LYS C 128 12.33 42.48 21.20
CA LYS C 128 11.86 43.41 22.23
C LYS C 128 10.37 43.71 22.17
N ALA C 129 9.83 43.85 20.97
CA ALA C 129 8.42 44.14 20.81
C ALA C 129 7.54 42.94 21.14
N ASP C 130 6.27 43.21 21.40
CA ASP C 130 5.34 42.13 21.70
C ASP C 130 5.00 41.47 20.36
N GLU C 131 4.55 42.28 19.41
CA GLU C 131 4.19 41.79 18.08
C GLU C 131 4.83 42.58 16.94
N VAL C 132 4.62 42.07 15.72
CA VAL C 132 5.14 42.68 14.51
C VAL C 132 4.29 42.23 13.32
N VAL C 133 3.92 43.18 12.46
CA VAL C 133 3.13 42.89 11.27
C VAL C 133 4.11 42.73 10.12
N LEU C 134 4.36 41.48 9.71
CA LEU C 134 5.30 41.18 8.64
C LEU C 134 5.17 42.09 7.43
N PHE C 135 3.96 42.37 7.00
CA PHE C 135 3.75 43.22 5.83
C PHE C 135 4.38 44.60 6.03
N GLU C 136 4.03 45.27 7.13
CA GLU C 136 4.59 46.59 7.41
C GLU C 136 6.12 46.55 7.49
N GLU C 137 6.65 45.49 8.11
CA GLU C 137 8.09 45.36 8.21
C GLU C 137 8.73 45.15 6.85
N ALA C 138 8.12 44.27 6.06
CA ALA C 138 8.61 43.99 4.73
C ALA C 138 8.71 45.28 3.91
N LYS C 139 7.61 46.01 3.87
CA LYS C 139 7.55 47.28 3.13
C LYS C 139 8.76 48.18 3.35
N GLU C 140 9.02 48.51 4.62
CA GLU C 140 10.13 49.40 4.98
C GLU C 140 11.49 48.88 4.58
N ILE C 141 11.79 47.66 5.00
CA ILE C 141 13.07 47.05 4.68
C ILE C 141 13.27 46.99 3.17
N LEU C 142 12.30 46.47 2.45
CA LEU C 142 12.41 46.38 1.00
C LEU C 142 12.67 47.78 0.43
N CYS C 143 11.94 48.78 0.93
CA CYS C 143 12.09 50.15 0.46
C CYS C 143 13.48 50.70 0.77
N ARG C 144 13.98 50.42 1.98
CA ARG C 144 15.31 50.86 2.39
C ARG C 144 16.38 50.30 1.46
N VAL C 145 16.29 49.00 1.19
CA VAL C 145 17.25 48.29 0.33
C VAL C 145 17.18 48.68 -1.15
N ALA C 146 15.97 48.74 -1.70
CA ALA C 146 15.83 49.10 -3.11
C ALA C 146 16.53 50.43 -3.38
N CYS C 147 16.25 51.41 -2.55
CA CYS C 147 16.83 52.74 -2.70
C CYS C 147 18.35 52.74 -2.49
N TYR C 148 18.81 52.18 -1.38
CA TYR C 148 20.22 52.13 -1.10
C TYR C 148 20.93 51.48 -2.29
N TRP C 149 20.35 50.41 -2.82
CA TRP C 149 20.89 49.67 -3.96
C TRP C 149 20.79 50.48 -5.27
N ALA C 150 19.70 51.22 -5.42
CA ALA C 150 19.50 52.04 -6.62
C ALA C 150 20.35 53.29 -6.55
N GLY C 151 20.83 53.61 -5.35
CA GLY C 151 21.64 54.80 -5.16
C GLY C 151 20.73 55.97 -4.87
N VAL C 152 19.46 55.68 -4.62
CA VAL C 152 18.48 56.72 -4.32
C VAL C 152 18.47 57.09 -2.83
N PRO C 153 18.86 58.34 -2.52
CA PRO C 153 18.91 58.88 -1.15
C PRO C 153 17.59 58.72 -0.41
N LEU C 154 17.65 58.27 0.83
CA LEU C 154 16.44 58.05 1.60
C LEU C 154 16.64 58.35 3.09
N LYS C 155 15.85 59.29 3.61
CA LYS C 155 15.92 59.67 5.03
C LYS C 155 15.05 58.73 5.85
N GLU C 156 15.55 58.32 7.01
CA GLU C 156 14.84 57.40 7.90
C GLU C 156 13.47 57.93 8.35
N THR C 157 13.33 59.26 8.36
CA THR C 157 12.08 59.90 8.75
C THR C 157 11.19 60.00 7.52
N GLU C 158 11.61 59.36 6.44
CA GLU C 158 10.90 59.39 5.16
C GLU C 158 10.64 57.96 4.68
N VAL C 159 11.21 56.99 5.39
CA VAL C 159 11.07 55.58 5.06
C VAL C 159 9.63 55.08 4.96
N LYS C 160 8.82 55.32 5.98
CA LYS C 160 7.44 54.86 5.97
C LYS C 160 6.58 55.50 4.89
N GLU C 161 6.70 56.81 4.69
CA GLU C 161 5.87 57.47 3.69
C GLU C 161 6.21 56.98 2.28
N ARG C 162 7.49 56.95 1.93
CA ARG C 162 7.90 56.49 0.61
C ARG C 162 7.44 55.05 0.39
N ALA C 163 7.57 54.23 1.43
CA ALA C 163 7.17 52.83 1.33
C ALA C 163 5.65 52.75 1.13
N ASP C 164 4.91 53.50 1.93
CA ASP C 164 3.46 53.49 1.83
C ASP C 164 3.00 53.97 0.45
N ASP C 165 3.67 54.98 -0.10
CA ASP C 165 3.30 55.47 -1.42
C ASP C 165 3.44 54.40 -2.51
N PHE C 166 4.52 53.63 -2.46
CA PHE C 166 4.72 52.59 -3.45
C PHE C 166 3.58 51.58 -3.38
N ILE C 167 3.30 51.07 -2.18
CA ILE C 167 2.24 50.10 -2.02
C ILE C 167 0.88 50.62 -2.45
N ASP C 168 0.58 51.88 -2.11
CA ASP C 168 -0.70 52.45 -2.51
C ASP C 168 -0.84 52.44 -4.02
N MET C 169 0.29 52.51 -4.71
CA MET C 169 0.30 52.48 -6.18
C MET C 169 -0.07 51.08 -6.63
N VAL C 170 0.58 50.08 -6.06
CA VAL C 170 0.33 48.70 -6.42
C VAL C 170 -1.08 48.32 -5.98
N ASP C 171 -1.41 48.69 -4.74
CA ASP C 171 -2.70 48.37 -4.15
C ASP C 171 -3.89 49.09 -4.81
N ALA C 172 -3.62 49.84 -5.86
CA ALA C 172 -4.70 50.57 -6.53
C ALA C 172 -5.01 50.14 -7.96
N PHE C 173 -4.15 49.31 -8.55
CA PHE C 173 -4.36 48.89 -9.93
C PHE C 173 -5.71 48.27 -10.28
N GLY C 174 -6.37 47.65 -9.31
CA GLY C 174 -7.66 47.05 -9.59
C GLY C 174 -8.77 47.49 -8.64
N ALA C 175 -8.82 48.78 -8.34
CA ALA C 175 -9.83 49.29 -7.41
C ALA C 175 -10.63 50.49 -7.89
N VAL C 176 -11.80 50.68 -7.27
CA VAL C 176 -12.68 51.80 -7.58
C VAL C 176 -12.91 52.58 -6.28
N GLY C 177 -12.89 53.90 -6.36
CA GLY C 177 -13.10 54.71 -5.18
C GLY C 177 -11.84 55.00 -4.39
N PRO C 178 -11.90 54.86 -3.04
CA PRO C 178 -10.79 55.09 -2.11
C PRO C 178 -9.46 54.45 -2.49
N ARG C 179 -9.45 53.13 -2.63
CA ARG C 179 -8.22 52.42 -2.97
C ARG C 179 -7.53 52.89 -4.23
N HIS C 180 -8.30 53.23 -5.26
CA HIS C 180 -7.71 53.69 -6.51
C HIS C 180 -7.12 55.09 -6.36
N TRP C 181 -7.84 55.93 -5.63
CA TRP C 181 -7.42 57.31 -5.40
C TRP C 181 -6.05 57.45 -4.76
N LYS C 182 -5.79 56.66 -3.72
CA LYS C 182 -4.50 56.71 -3.03
C LYS C 182 -3.37 56.60 -4.04
N GLY C 183 -3.45 55.58 -4.90
CA GLY C 183 -2.43 55.40 -5.92
C GLY C 183 -2.37 56.59 -6.87
N ARG C 184 -3.54 57.19 -7.14
CA ARG C 184 -3.59 58.35 -8.03
C ARG C 184 -2.81 59.52 -7.46
N ARG C 185 -2.76 59.62 -6.13
CA ARG C 185 -2.03 60.70 -5.48
C ARG C 185 -0.60 60.31 -5.14
N ALA C 186 -0.38 59.04 -4.83
CA ALA C 186 0.94 58.54 -4.48
C ALA C 186 1.91 58.65 -5.65
N ARG C 187 1.48 58.21 -6.83
CA ARG C 187 2.31 58.26 -8.02
C ARG C 187 2.93 59.65 -8.24
N PRO C 188 2.09 60.67 -8.38
CA PRO C 188 2.60 62.04 -8.59
C PRO C 188 3.65 62.42 -7.54
N ARG C 189 3.40 62.03 -6.29
CA ARG C 189 4.35 62.34 -5.23
C ARG C 189 5.72 61.73 -5.53
N ALA C 190 5.73 60.43 -5.82
CA ALA C 190 6.95 59.71 -6.11
C ALA C 190 7.65 60.20 -7.38
N GLU C 191 6.89 60.35 -8.47
CA GLU C 191 7.46 60.81 -9.73
C GLU C 191 8.19 62.13 -9.52
N GLU C 192 7.53 63.06 -8.84
CA GLU C 192 8.10 64.37 -8.56
C GLU C 192 9.37 64.20 -7.77
N TRP C 193 9.25 63.47 -6.66
CA TRP C 193 10.36 63.18 -5.76
C TRP C 193 11.59 62.63 -6.48
N ILE C 194 11.36 61.71 -7.40
CA ILE C 194 12.48 61.10 -8.14
C ILE C 194 13.01 61.95 -9.29
N GLU C 195 12.13 62.69 -9.95
CA GLU C 195 12.55 63.54 -11.06
C GLU C 195 13.61 64.56 -10.65
N VAL C 196 13.43 65.13 -9.47
CA VAL C 196 14.39 66.11 -8.95
C VAL C 196 15.75 65.44 -8.90
N MET C 197 15.76 64.22 -8.39
CA MET C 197 16.99 63.44 -8.27
C MET C 197 17.66 63.23 -9.63
N ILE C 198 16.84 62.92 -10.64
CA ILE C 198 17.36 62.70 -11.98
C ILE C 198 18.03 63.96 -12.52
N GLU C 199 17.36 65.08 -12.36
CA GLU C 199 17.87 66.37 -12.83
C GLU C 199 19.11 66.81 -12.04
N ASP C 200 19.10 66.56 -10.73
CA ASP C 200 20.26 66.92 -9.90
C ASP C 200 21.42 66.00 -10.22
N ALA C 201 21.11 64.80 -10.69
CA ALA C 201 22.14 63.84 -11.06
C ALA C 201 22.82 64.31 -12.34
N ARG C 202 22.00 64.58 -13.35
CA ARG C 202 22.49 65.02 -14.65
C ARG C 202 23.30 66.31 -14.54
N ALA C 203 23.09 67.05 -13.47
CA ALA C 203 23.83 68.30 -13.26
C ALA C 203 25.07 68.02 -12.40
N GLY C 204 25.20 66.77 -11.94
CA GLY C 204 26.34 66.40 -11.12
C GLY C 204 26.17 66.86 -9.68
N LEU C 205 25.03 67.49 -9.40
CA LEU C 205 24.77 67.98 -8.05
C LEU C 205 24.50 66.85 -7.07
N LEU C 206 24.27 65.65 -7.59
CA LEU C 206 24.02 64.49 -6.76
C LEU C 206 25.00 63.41 -7.19
N LYS C 207 25.70 62.83 -6.23
CA LYS C 207 26.68 61.77 -6.50
C LYS C 207 25.95 60.51 -7.00
N THR C 208 26.46 59.91 -8.06
CA THR C 208 25.87 58.68 -8.62
C THR C 208 26.96 57.65 -8.91
N THR C 209 26.61 56.37 -8.80
CA THR C 209 27.56 55.29 -9.05
C THR C 209 27.20 54.48 -10.30
N SER C 210 28.13 54.46 -11.25
CA SER C 210 27.93 53.73 -12.50
C SER C 210 27.53 52.29 -12.25
N GLY C 211 26.42 51.86 -12.84
CA GLY C 211 25.97 50.50 -12.64
C GLY C 211 24.73 50.42 -11.76
N THR C 212 24.50 51.45 -10.95
CA THR C 212 23.33 51.48 -10.09
C THR C 212 22.16 51.98 -10.90
N ALA C 213 20.95 51.59 -10.52
CA ALA C 213 19.74 51.98 -11.24
C ALA C 213 19.59 53.49 -11.42
N LEU C 214 19.87 54.24 -10.36
CA LEU C 214 19.75 55.69 -10.42
C LEU C 214 20.65 56.23 -11.51
N HIS C 215 21.93 55.86 -11.46
CA HIS C 215 22.88 56.32 -12.46
C HIS C 215 22.43 55.92 -13.86
N GLU C 216 22.02 54.66 -13.99
CA GLU C 216 21.60 54.11 -15.28
C GLU C 216 20.36 54.72 -15.92
N MET C 217 19.35 55.05 -15.13
CA MET C 217 18.14 55.64 -15.69
C MET C 217 18.36 57.10 -16.09
N ALA C 218 19.21 57.79 -15.33
CA ALA C 218 19.53 59.20 -15.57
C ALA C 218 20.41 59.41 -16.79
N PHE C 219 21.40 58.53 -16.97
CA PHE C 219 22.33 58.65 -18.08
C PHE C 219 22.08 57.72 -19.26
N HIS C 220 20.97 56.98 -19.24
CA HIS C 220 20.65 56.06 -20.33
C HIS C 220 20.38 56.82 -21.61
N THR C 221 20.92 56.33 -22.73
CA THR C 221 20.70 56.94 -24.03
C THR C 221 19.84 56.04 -24.90
N GLN C 222 18.79 56.61 -25.48
CA GLN C 222 17.89 55.87 -26.33
C GLN C 222 18.56 55.51 -27.66
N GLU C 223 17.75 55.11 -28.64
CA GLU C 223 18.26 54.74 -29.95
C GLU C 223 19.02 55.88 -30.61
N ASP C 224 18.39 57.05 -30.67
CA ASP C 224 19.00 58.22 -31.28
C ASP C 224 20.17 58.75 -30.44
N GLY C 225 20.38 58.16 -29.27
CA GLY C 225 21.46 58.59 -28.41
C GLY C 225 21.09 59.69 -27.42
N SER C 226 19.82 60.06 -27.41
CA SER C 226 19.34 61.09 -26.50
C SER C 226 18.72 60.44 -25.26
N GLN C 227 19.02 60.98 -24.10
CA GLN C 227 18.48 60.46 -22.84
C GLN C 227 16.98 60.69 -22.72
N LEU C 228 16.33 59.94 -21.82
CA LEU C 228 14.90 60.04 -21.60
C LEU C 228 14.52 61.38 -20.98
N ASP C 229 13.24 61.72 -21.01
CA ASP C 229 12.79 62.96 -20.38
C ASP C 229 13.05 62.70 -18.89
N SER C 230 13.43 63.72 -18.14
CA SER C 230 13.70 63.55 -16.72
C SER C 230 12.52 62.89 -16.01
N ARG C 231 11.30 63.25 -16.40
CA ARG C 231 10.11 62.66 -15.80
C ARG C 231 10.04 61.19 -16.18
N MET C 232 10.35 60.89 -17.44
CA MET C 232 10.30 59.50 -17.92
C MET C 232 11.34 58.68 -17.18
N ALA C 233 12.52 59.27 -17.00
CA ALA C 233 13.61 58.63 -16.29
C ALA C 233 13.19 58.32 -14.85
N ALA C 234 12.40 59.22 -14.27
CA ALA C 234 11.90 59.04 -12.91
C ALA C 234 10.90 57.88 -12.90
N ILE C 235 9.97 57.91 -13.84
CA ILE C 235 8.95 56.88 -13.96
C ILE C 235 9.54 55.49 -14.17
N GLU C 236 10.63 55.42 -14.93
CA GLU C 236 11.29 54.14 -15.18
C GLU C 236 12.05 53.70 -13.94
N LEU C 237 12.50 54.67 -13.14
CA LEU C 237 13.20 54.33 -11.91
C LEU C 237 12.11 53.85 -10.95
N ILE C 238 10.96 54.51 -11.01
CA ILE C 238 9.84 54.10 -10.15
C ILE C 238 9.42 52.70 -10.56
N ASN C 239 9.62 52.35 -11.82
CA ASN C 239 9.25 51.01 -12.29
C ASN C 239 10.15 49.90 -11.76
N VAL C 240 11.24 50.29 -11.12
CA VAL C 240 12.18 49.34 -10.52
C VAL C 240 11.94 49.36 -9.01
N LEU C 241 11.93 50.56 -8.44
CA LEU C 241 11.73 50.74 -7.00
C LEU C 241 10.41 50.18 -6.45
N ARG C 242 9.31 50.47 -7.12
CA ARG C 242 8.00 50.02 -6.68
C ARG C 242 7.89 48.49 -6.59
N PRO C 243 8.20 47.78 -7.69
CA PRO C 243 8.12 46.31 -7.72
C PRO C 243 8.92 45.60 -6.62
N ILE C 244 10.06 46.18 -6.25
CA ILE C 244 10.86 45.57 -5.21
C ILE C 244 10.12 45.65 -3.87
N VAL C 245 9.49 46.79 -3.62
CA VAL C 245 8.75 46.97 -2.39
C VAL C 245 7.50 46.09 -2.43
N ALA C 246 6.97 45.87 -3.63
CA ALA C 246 5.78 45.06 -3.80
C ALA C 246 6.09 43.60 -3.51
N ILE C 247 7.37 43.27 -3.43
CA ILE C 247 7.77 41.91 -3.13
C ILE C 247 7.21 41.53 -1.77
N SER C 248 6.81 42.55 -1.00
CA SER C 248 6.23 42.35 0.33
C SER C 248 5.04 41.39 0.35
N TYR C 249 4.15 41.50 -0.62
CA TYR C 249 3.01 40.60 -0.66
C TYR C 249 3.47 39.13 -0.68
N PHE C 250 4.37 38.79 -1.59
CA PHE C 250 4.86 37.41 -1.67
C PHE C 250 5.53 36.95 -0.38
N LEU C 251 6.28 37.84 0.27
CA LEU C 251 6.95 37.52 1.54
C LEU C 251 5.92 37.04 2.54
N VAL C 252 4.82 37.78 2.64
CA VAL C 252 3.76 37.45 3.58
C VAL C 252 3.08 36.14 3.21
N PHE C 253 2.86 35.89 1.92
CA PHE C 253 2.22 34.66 1.49
C PHE C 253 3.13 33.46 1.80
N SER C 254 4.42 33.61 1.49
CA SER C 254 5.36 32.53 1.74
C SER C 254 5.36 32.20 3.23
N ALA C 255 5.07 33.20 4.06
CA ALA C 255 5.02 33.00 5.51
C ALA C 255 3.68 32.40 5.94
N LEU C 256 2.66 32.56 5.10
CA LEU C 256 1.35 32.00 5.42
C LEU C 256 1.41 30.53 5.06
N ALA C 257 2.17 30.22 4.01
CA ALA C 257 2.33 28.84 3.55
C ALA C 257 3.03 28.02 4.63
N LEU C 258 4.18 28.51 5.08
CA LEU C 258 4.96 27.84 6.11
C LEU C 258 4.14 27.64 7.38
N HIS C 259 3.14 28.47 7.58
CA HIS C 259 2.30 28.37 8.76
C HIS C 259 1.17 27.36 8.59
N GLU C 260 0.45 27.47 7.48
CA GLU C 260 -0.67 26.59 7.21
C GLU C 260 -0.18 25.16 6.94
N HIS C 261 1.05 25.03 6.44
CA HIS C 261 1.64 23.72 6.13
C HIS C 261 2.94 23.48 6.89
N PRO C 262 2.85 23.22 8.21
CA PRO C 262 4.01 22.96 9.06
C PRO C 262 4.93 21.82 8.61
N LYS C 263 4.33 20.79 8.00
CA LYS C 263 5.09 19.64 7.54
C LYS C 263 6.30 20.03 6.69
N TYR C 264 6.33 21.28 6.24
CA TYR C 264 7.41 21.78 5.40
C TYR C 264 8.48 22.59 6.14
N LYS C 265 8.15 23.06 7.34
CA LYS C 265 9.11 23.84 8.13
C LYS C 265 10.40 23.04 8.31
N GLU C 266 10.25 21.79 8.74
CA GLU C 266 11.38 20.91 8.97
C GLU C 266 12.07 20.56 7.64
N TRP C 267 11.26 20.24 6.65
CA TRP C 267 11.76 19.89 5.33
C TRP C 267 12.69 20.97 4.80
N LEU C 268 12.46 22.21 5.25
CA LEU C 268 13.27 23.35 4.83
C LEU C 268 14.56 23.46 5.64
N ARG C 269 14.45 23.22 6.94
CA ARG C 269 15.61 23.28 7.83
C ARG C 269 16.72 22.39 7.28
N SER C 270 16.46 21.09 7.29
CA SER C 270 17.39 20.12 6.77
C SER C 270 17.44 20.28 5.25
N GLY C 271 16.50 21.08 4.73
CA GLY C 271 16.44 21.33 3.31
C GLY C 271 17.67 22.09 2.85
N ASN C 272 17.77 22.31 1.55
CA ASN C 272 18.92 23.00 0.98
C ASN C 272 18.49 24.22 0.15
N SER C 273 19.47 24.87 -0.47
CA SER C 273 19.19 26.03 -1.32
C SER C 273 18.25 25.63 -2.46
N ARG C 274 18.21 24.34 -2.76
CA ARG C 274 17.38 23.82 -3.84
C ARG C 274 15.94 23.69 -3.33
N GLU C 275 15.79 23.47 -2.02
CA GLU C 275 14.48 23.34 -1.39
C GLU C 275 13.79 24.70 -1.24
N ARG C 276 14.59 25.76 -1.09
CA ARG C 276 14.06 27.11 -0.96
C ARG C 276 13.37 27.45 -2.28
N GLU C 277 14.07 27.16 -3.37
CA GLU C 277 13.56 27.41 -4.72
C GLU C 277 12.17 26.81 -4.88
N MET C 278 12.08 25.50 -4.71
CA MET C 278 10.82 24.79 -4.84
C MET C 278 9.72 25.47 -4.05
N PHE C 279 9.99 25.75 -2.77
CA PHE C 279 9.00 26.41 -1.92
C PHE C 279 8.65 27.80 -2.45
N VAL C 280 9.67 28.56 -2.84
CA VAL C 280 9.48 29.90 -3.36
C VAL C 280 8.65 29.87 -4.66
N GLN C 281 8.98 28.94 -5.55
CA GLN C 281 8.26 28.79 -6.80
C GLN C 281 6.80 28.43 -6.56
N GLU C 282 6.56 27.59 -5.56
CA GLU C 282 5.21 27.14 -5.22
C GLU C 282 4.36 28.26 -4.66
N VAL C 283 5.00 29.22 -4.00
CA VAL C 283 4.26 30.36 -3.44
C VAL C 283 3.79 31.25 -4.59
N ARG C 284 4.71 31.53 -5.52
CA ARG C 284 4.42 32.37 -6.68
C ARG C 284 3.32 31.75 -7.53
N ARG C 285 3.37 30.44 -7.71
CA ARG C 285 2.39 29.73 -8.51
C ARG C 285 1.03 29.58 -7.84
N TYR C 286 1.05 29.14 -6.59
CA TYR C 286 -0.17 28.89 -5.84
C TYR C 286 -0.97 30.10 -5.38
N TYR C 287 -0.25 31.18 -5.04
CA TYR C 287 -0.91 32.39 -4.55
C TYR C 287 -1.16 33.44 -5.63
N PRO C 288 -2.27 34.20 -5.48
CA PRO C 288 -2.71 35.27 -6.38
C PRO C 288 -1.94 36.58 -6.23
N PHE C 289 -1.43 37.08 -7.35
CA PHE C 289 -0.72 38.35 -7.37
C PHE C 289 -1.03 39.01 -8.70
N GLY C 290 -0.23 38.67 -9.71
CA GLY C 290 -0.48 39.21 -11.04
C GLY C 290 -1.79 38.59 -11.48
N PRO C 291 -2.83 39.39 -11.72
CA PRO C 291 -4.14 38.88 -12.15
C PRO C 291 -4.12 38.31 -13.56
N PHE C 292 -4.10 39.22 -14.52
CA PHE C 292 -4.08 38.88 -15.93
C PHE C 292 -3.26 39.94 -16.67
N LEU C 293 -3.34 39.94 -18.00
CA LEU C 293 -2.59 40.91 -18.79
C LEU C 293 -3.40 41.34 -20.01
N GLY C 294 -3.25 42.59 -20.37
CA GLY C 294 -3.96 43.11 -21.52
C GLY C 294 -3.06 43.20 -22.73
N ALA C 295 -3.65 43.06 -23.91
CA ALA C 295 -2.90 43.14 -25.15
C ALA C 295 -3.83 43.62 -26.25
N LEU C 296 -3.25 43.90 -27.41
CA LEU C 296 -4.04 44.37 -28.53
C LEU C 296 -3.64 43.58 -29.78
N VAL C 297 -4.63 43.04 -30.49
CA VAL C 297 -4.36 42.28 -31.70
C VAL C 297 -3.73 43.22 -32.72
N LYS C 298 -2.53 42.88 -33.16
CA LYS C 298 -1.81 43.70 -34.14
C LYS C 298 -2.29 43.44 -35.56
N LYS C 299 -2.52 42.17 -35.88
CA LYS C 299 -3.00 41.80 -37.21
C LYS C 299 -4.02 40.68 -37.11
N ASP C 300 -4.85 40.54 -38.13
CA ASP C 300 -5.90 39.52 -38.16
C ASP C 300 -5.32 38.11 -38.32
N PHE C 301 -5.80 37.18 -37.51
CA PHE C 301 -5.34 35.80 -37.58
C PHE C 301 -6.36 34.87 -36.93
N VAL C 302 -6.07 33.58 -36.93
CA VAL C 302 -6.98 32.60 -36.35
C VAL C 302 -6.20 31.64 -35.45
N TRP C 303 -6.87 31.11 -34.43
CA TRP C 303 -6.23 30.19 -33.51
C TRP C 303 -7.28 29.41 -32.72
N ASN C 304 -7.03 28.11 -32.55
CA ASN C 304 -7.94 27.23 -31.82
C ASN C 304 -9.39 27.51 -32.19
N ASN C 305 -9.67 27.43 -33.48
CA ASN C 305 -11.01 27.66 -34.04
C ASN C 305 -11.59 29.03 -33.71
N CYS C 306 -10.72 30.02 -33.52
CA CYS C 306 -11.14 31.39 -33.22
C CYS C 306 -10.33 32.40 -34.04
N GLU C 307 -11.01 33.39 -34.60
CA GLU C 307 -10.36 34.41 -35.40
C GLU C 307 -10.21 35.71 -34.61
N PHE C 308 -8.99 36.24 -34.60
CA PHE C 308 -8.71 37.48 -33.88
C PHE C 308 -8.60 38.64 -34.87
N LYS C 309 -9.51 39.60 -34.78
CA LYS C 309 -9.48 40.75 -35.67
C LYS C 309 -8.52 41.81 -35.19
N LYS C 310 -7.86 42.48 -36.14
CA LYS C 310 -6.90 43.53 -35.86
C LYS C 310 -7.50 44.61 -34.95
N GLY C 311 -6.78 44.95 -33.88
CA GLY C 311 -7.27 45.97 -32.96
C GLY C 311 -8.13 45.47 -31.81
N THR C 312 -8.49 44.19 -31.83
CA THR C 312 -9.32 43.64 -30.75
C THR C 312 -8.49 43.48 -29.47
N SER C 313 -9.15 43.66 -28.33
CA SER C 313 -8.49 43.55 -27.03
C SER C 313 -8.57 42.13 -26.48
N VAL C 314 -7.48 41.64 -25.91
CA VAL C 314 -7.44 40.30 -25.35
C VAL C 314 -6.80 40.26 -23.96
N LEU C 315 -7.35 39.42 -23.09
CA LEU C 315 -6.83 39.25 -21.73
C LEU C 315 -6.30 37.84 -21.54
N LEU C 316 -5.11 37.73 -20.96
CA LEU C 316 -4.49 36.44 -20.71
C LEU C 316 -4.66 36.08 -19.23
N ASP C 317 -5.25 34.93 -18.96
CA ASP C 317 -5.48 34.48 -17.60
C ASP C 317 -4.19 33.94 -16.96
N LEU C 318 -3.61 34.75 -16.07
CA LEU C 318 -2.38 34.38 -15.40
C LEU C 318 -2.63 33.44 -14.22
N TYR C 319 -3.61 33.78 -13.39
CA TYR C 319 -3.95 32.96 -12.23
C TYR C 319 -4.38 31.57 -12.69
N GLY C 320 -5.47 31.54 -13.46
CA GLY C 320 -5.99 30.28 -13.97
C GLY C 320 -4.93 29.37 -14.57
N THR C 321 -4.11 29.91 -15.47
CA THR C 321 -3.06 29.10 -16.07
C THR C 321 -2.23 28.42 -14.99
N ASN C 322 -1.79 29.21 -14.02
CA ASN C 322 -0.99 28.69 -12.92
C ASN C 322 -1.72 27.61 -12.11
N HIS C 323 -3.05 27.60 -12.20
CA HIS C 323 -3.85 26.60 -11.50
C HIS C 323 -4.53 25.64 -12.48
N ASP C 324 -3.93 25.45 -13.65
CA ASP C 324 -4.51 24.58 -14.67
C ASP C 324 -4.12 23.11 -14.48
N PRO C 325 -5.12 22.24 -14.24
CA PRO C 325 -4.93 20.80 -14.05
C PRO C 325 -4.15 20.14 -15.17
N ARG C 326 -4.34 20.64 -16.39
CA ARG C 326 -3.65 20.11 -17.56
C ARG C 326 -2.15 20.38 -17.49
N LEU C 327 -1.76 21.26 -16.59
CA LEU C 327 -0.34 21.62 -16.44
C LEU C 327 0.21 21.26 -15.07
N TRP C 328 -0.65 21.22 -14.06
CA TRP C 328 -0.23 20.89 -12.71
C TRP C 328 -1.23 19.94 -12.07
N ASP C 329 -0.71 18.94 -11.35
CA ASP C 329 -1.57 17.98 -10.67
C ASP C 329 -1.92 18.59 -9.31
N HIS C 330 -3.19 18.47 -8.93
CA HIS C 330 -3.64 19.06 -7.67
C HIS C 330 -3.17 20.52 -7.60
N PRO C 331 -3.33 21.27 -8.71
CA PRO C 331 -2.90 22.68 -8.75
C PRO C 331 -3.52 23.58 -7.67
N ASP C 332 -4.56 23.08 -7.00
CA ASP C 332 -5.21 23.83 -5.93
C ASP C 332 -4.60 23.42 -4.58
N GLU C 333 -3.47 22.74 -4.66
CA GLU C 333 -2.75 22.27 -3.48
C GLU C 333 -1.34 22.86 -3.42
N PHE C 334 -0.88 23.18 -2.22
CA PHE C 334 0.45 23.75 -2.03
C PHE C 334 1.46 22.60 -1.91
N ARG C 335 2.00 22.18 -3.05
CA ARG C 335 2.96 21.09 -3.07
C ARG C 335 4.31 21.51 -3.63
N PRO C 336 5.16 22.11 -2.79
CA PRO C 336 6.49 22.57 -3.20
C PRO C 336 7.29 21.52 -3.98
N GLU C 337 7.15 20.26 -3.59
CA GLU C 337 7.86 19.18 -4.26
C GLU C 337 7.51 19.05 -5.74
N ARG C 338 6.34 19.55 -6.12
CA ARG C 338 5.91 19.49 -7.50
C ARG C 338 6.92 20.18 -8.40
N PHE C 339 7.87 20.89 -7.78
CA PHE C 339 8.90 21.60 -8.53
C PHE C 339 10.24 20.87 -8.47
N ALA C 340 10.25 19.69 -7.86
CA ALA C 340 11.45 18.87 -7.73
C ALA C 340 12.22 18.78 -9.05
N GLU C 341 12.98 19.83 -9.35
CA GLU C 341 13.77 19.91 -10.57
C GLU C 341 12.92 19.49 -11.76
N ARG C 342 11.86 20.25 -12.02
CA ARG C 342 10.96 19.96 -13.14
C ARG C 342 11.49 20.60 -14.42
N GLU C 343 10.98 20.14 -15.56
CA GLU C 343 11.42 20.66 -16.85
C GLU C 343 11.20 22.16 -16.93
N GLU C 344 11.75 22.79 -17.97
CA GLU C 344 11.60 24.22 -18.15
C GLU C 344 10.63 24.51 -19.28
N ASN C 345 9.78 25.50 -19.05
CA ASN C 345 8.79 25.93 -20.04
C ASN C 345 8.45 27.36 -19.67
N LEU C 346 8.52 28.25 -20.67
CA LEU C 346 8.25 29.66 -20.45
C LEU C 346 6.79 30.04 -20.62
N PHE C 347 5.88 29.08 -20.48
CA PHE C 347 4.47 29.35 -20.65
C PHE C 347 3.56 28.58 -19.71
N ASP C 348 4.10 27.62 -18.95
CA ASP C 348 3.27 26.87 -18.02
C ASP C 348 3.14 27.60 -16.69
N MET C 349 4.22 28.24 -16.25
CA MET C 349 4.17 29.02 -15.01
C MET C 349 4.49 30.46 -15.37
N ILE C 350 3.48 31.32 -15.27
CA ILE C 350 3.62 32.72 -15.63
C ILE C 350 3.16 33.72 -14.57
N PRO C 351 3.37 33.41 -13.27
CA PRO C 351 2.92 34.37 -12.27
C PRO C 351 3.48 35.78 -12.54
N GLN C 352 4.70 35.84 -13.05
CA GLN C 352 5.32 37.11 -13.36
C GLN C 352 5.53 37.29 -14.87
N GLY C 353 4.59 36.79 -15.66
CA GLY C 353 4.71 36.93 -17.11
C GLY C 353 5.18 35.68 -17.82
N GLY C 354 5.14 35.72 -19.16
CA GLY C 354 5.55 34.58 -19.94
C GLY C 354 6.45 34.91 -21.12
N GLY C 355 6.98 33.88 -21.77
CA GLY C 355 7.85 34.10 -22.91
C GLY C 355 9.25 34.53 -22.51
N HIS C 356 9.99 35.06 -23.48
CA HIS C 356 11.36 35.52 -23.26
C HIS C 356 11.42 36.98 -22.83
N ALA C 357 11.88 37.22 -21.60
CA ALA C 357 12.01 38.59 -21.09
C ALA C 357 12.80 39.38 -22.12
N GLU C 358 13.50 38.64 -22.97
CA GLU C 358 14.33 39.20 -24.04
C GLU C 358 13.50 39.75 -25.20
N LYS C 359 12.54 38.96 -25.67
CA LYS C 359 11.70 39.33 -26.79
C LYS C 359 10.23 39.44 -26.38
N GLY C 360 9.98 40.09 -25.25
CA GLY C 360 8.63 40.26 -24.76
C GLY C 360 8.59 41.17 -23.55
N HIS C 361 7.41 41.28 -22.93
CA HIS C 361 7.24 42.14 -21.76
C HIS C 361 7.37 41.37 -20.45
N ARG C 362 7.79 40.11 -20.54
CA ARG C 362 7.97 39.27 -19.36
C ARG C 362 8.80 40.00 -18.29
N CYS C 363 8.40 39.83 -17.03
CA CYS C 363 9.07 40.47 -15.90
C CYS C 363 10.56 40.17 -15.85
N PRO C 364 11.38 41.23 -15.88
CA PRO C 364 12.84 41.10 -15.85
C PRO C 364 13.34 41.02 -14.40
N GLY C 365 12.41 41.17 -13.46
CA GLY C 365 12.79 41.14 -12.05
C GLY C 365 12.49 39.83 -11.34
N GLU C 366 12.25 38.77 -12.10
CA GLU C 366 11.95 37.46 -11.53
C GLU C 366 13.14 36.96 -10.72
N GLY C 367 14.33 37.05 -11.29
CA GLY C 367 15.52 36.61 -10.60
C GLY C 367 15.55 37.30 -9.25
N ILE C 368 15.38 38.61 -9.27
CA ILE C 368 15.36 39.44 -8.07
C ILE C 368 14.36 38.86 -7.06
N THR C 369 13.13 38.70 -7.53
CA THR C 369 12.05 38.21 -6.71
C THR C 369 12.42 36.90 -6.02
N ILE C 370 12.89 35.93 -6.79
CA ILE C 370 13.25 34.62 -6.24
C ILE C 370 14.36 34.73 -5.19
N GLU C 371 15.48 35.31 -5.59
CA GLU C 371 16.60 35.48 -4.68
C GLU C 371 16.18 36.15 -3.37
N VAL C 372 15.38 37.20 -3.46
CA VAL C 372 14.91 37.90 -2.27
C VAL C 372 14.03 36.98 -1.42
N MET C 373 13.07 36.30 -2.07
CA MET C 373 12.17 35.39 -1.37
C MET C 373 12.95 34.24 -0.72
N LYS C 374 13.99 33.75 -1.38
CA LYS C 374 14.80 32.66 -0.82
C LYS C 374 15.50 33.14 0.43
N ALA C 375 16.24 34.24 0.31
CA ALA C 375 16.96 34.81 1.44
C ALA C 375 16.02 35.09 2.60
N SER C 376 14.82 35.58 2.30
CA SER C 376 13.83 35.90 3.31
C SER C 376 13.22 34.69 4.02
N LEU C 377 12.98 33.61 3.27
CA LEU C 377 12.42 32.38 3.85
C LEU C 377 13.50 31.73 4.72
N ASP C 378 14.75 31.83 4.24
CA ASP C 378 15.91 31.30 4.94
C ASP C 378 15.92 31.94 6.34
N PHE C 379 15.50 33.19 6.39
CA PHE C 379 15.45 33.94 7.65
C PHE C 379 14.32 33.52 8.58
N LEU C 380 13.14 33.26 8.04
CA LEU C 380 11.99 32.87 8.84
C LEU C 380 12.14 31.47 9.42
N VAL C 381 12.96 30.64 8.76
CA VAL C 381 13.15 29.27 9.20
C VAL C 381 14.33 29.01 10.14
N HIS C 382 15.53 29.45 9.74
CA HIS C 382 16.74 29.24 10.54
C HIS C 382 17.06 30.28 11.62
N GLN C 383 16.99 31.56 11.25
CA GLN C 383 17.34 32.64 12.16
C GLN C 383 16.44 32.95 13.38
N ILE C 384 15.14 32.67 13.31
CA ILE C 384 14.26 32.98 14.45
C ILE C 384 13.12 32.00 14.71
N GLU C 385 12.45 32.20 15.85
CA GLU C 385 11.30 31.39 16.28
C GLU C 385 10.21 32.37 16.75
N TYR C 386 8.96 32.06 16.44
CA TYR C 386 7.86 32.95 16.81
C TYR C 386 6.50 32.27 16.77
N ASP C 387 5.50 32.91 17.37
CA ASP C 387 4.15 32.35 17.40
C ASP C 387 3.18 33.27 16.64
N VAL C 388 2.15 32.67 16.05
CA VAL C 388 1.16 33.41 15.29
C VAL C 388 -0.14 33.56 16.07
N PRO C 389 -0.32 34.70 16.75
CA PRO C 389 -1.53 34.94 17.54
C PRO C 389 -2.81 34.80 16.71
N GLU C 390 -3.96 34.87 17.38
CA GLU C 390 -5.24 34.78 16.69
C GLU C 390 -5.42 36.00 15.81
N GLN C 391 -5.51 35.76 14.51
CA GLN C 391 -5.67 36.84 13.53
C GLN C 391 -6.38 36.37 12.27
N SER C 392 -6.89 37.31 11.50
CA SER C 392 -7.56 36.97 10.25
C SER C 392 -6.53 36.77 9.15
N LEU C 393 -6.08 35.54 8.97
CA LEU C 393 -5.09 35.24 7.94
C LEU C 393 -5.77 34.83 6.63
N HIS C 394 -6.92 35.45 6.37
CA HIS C 394 -7.67 35.16 5.15
C HIS C 394 -7.42 36.18 4.05
N TYR C 395 -7.19 35.66 2.85
CA TYR C 395 -6.98 36.51 1.68
C TYR C 395 -8.05 36.12 0.68
N SER C 396 -8.74 37.11 0.12
CA SER C 396 -9.79 36.80 -0.85
C SER C 396 -9.19 36.64 -2.24
N LEU C 397 -10.01 36.18 -3.17
CA LEU C 397 -9.59 35.97 -4.55
C LEU C 397 -10.26 37.04 -5.41
N ALA C 398 -11.12 37.83 -4.77
CA ALA C 398 -11.85 38.89 -5.44
C ALA C 398 -11.16 40.24 -5.28
N ARG C 399 -10.19 40.31 -4.37
CA ARG C 399 -9.44 41.55 -4.11
C ARG C 399 -8.16 41.56 -4.93
N MET C 400 -7.99 42.57 -5.78
CA MET C 400 -6.78 42.66 -6.62
C MET C 400 -5.99 43.94 -6.33
N PRO C 401 -4.77 43.80 -5.77
CA PRO C 401 -4.12 42.55 -5.39
C PRO C 401 -4.74 42.01 -4.12
N SER C 402 -4.13 40.97 -3.57
CA SER C 402 -4.66 40.34 -2.36
C SER C 402 -3.57 40.16 -1.29
N LEU C 403 -4.00 39.84 -0.08
CA LEU C 403 -3.08 39.66 1.04
C LEU C 403 -3.86 39.28 2.29
N PRO C 404 -3.27 38.42 3.14
CA PRO C 404 -3.99 38.05 4.36
C PRO C 404 -4.40 39.35 5.07
N GLU C 405 -5.61 39.41 5.63
CA GLU C 405 -6.10 40.61 6.29
C GLU C 405 -5.18 41.31 7.29
N SER C 406 -4.71 40.57 8.28
CA SER C 406 -3.85 41.11 9.33
C SER C 406 -2.48 41.58 8.85
N GLY C 407 -1.99 40.98 7.77
CA GLY C 407 -0.68 41.32 7.27
C GLY C 407 0.32 40.35 7.88
N PHE C 408 -0.23 39.43 8.66
CA PHE C 408 0.52 38.39 9.35
C PHE C 408 1.25 38.88 10.59
N VAL C 409 0.51 38.92 11.70
CA VAL C 409 1.05 39.38 12.98
C VAL C 409 1.87 38.29 13.65
N MET C 410 3.11 38.65 13.99
CA MET C 410 4.02 37.73 14.66
C MET C 410 4.30 38.21 16.07
N SER C 411 4.30 37.28 17.02
CA SER C 411 4.55 37.63 18.42
C SER C 411 5.47 36.60 19.06
N GLY C 412 5.85 36.83 20.31
CA GLY C 412 6.73 35.90 21.00
C GLY C 412 8.00 35.63 20.21
N ILE C 413 8.43 36.63 19.44
CA ILE C 413 9.62 36.49 18.62
C ILE C 413 10.89 36.46 19.47
N ARG C 414 11.80 35.57 19.11
CA ARG C 414 13.05 35.41 19.84
C ARG C 414 14.11 34.78 18.95
N ARG C 415 15.32 35.32 19.02
CA ARG C 415 16.43 34.82 18.21
C ARG C 415 16.75 33.37 18.56
N LYS C 416 17.46 32.70 17.67
CA LYS C 416 17.84 31.32 17.88
C LYS C 416 19.08 31.02 17.05
#